data_1JKZ
#
_entry.id   1JKZ
#
_cell.length_a   ?
_cell.length_b   ?
_cell.length_c   ?
_cell.angle_alpha   ?
_cell.angle_beta   ?
_cell.angle_gamma   ?
#
_entity_poly.entity_id   1
_entity_poly.type   'polypeptide(L)'
_entity_poly.pdbx_seq_one_letter_code
;KTCEHLADTYRGVCFTNASCDDHCKNKAHLISGTCHNWKCFCTQNC
;
_entity_poly.pdbx_strand_id   A
#
# COMPACT_ATOMS: atom_id res chain seq x y z
N LYS A 1 11.77 -2.50 -14.75
CA LYS A 1 10.57 -3.07 -14.04
C LYS A 1 10.33 -2.36 -12.71
N THR A 2 9.24 -2.72 -12.03
CA THR A 2 8.91 -2.10 -10.73
C THR A 2 8.55 -3.18 -9.71
N CYS A 3 8.94 -2.96 -8.46
CA CYS A 3 8.66 -3.92 -7.40
C CYS A 3 7.72 -3.35 -6.35
N GLU A 4 6.74 -4.13 -5.95
CA GLU A 4 5.75 -3.70 -4.96
C GLU A 4 5.98 -4.44 -3.63
N HIS A 5 5.67 -3.75 -2.53
CA HIS A 5 5.85 -4.34 -1.21
C HIS A 5 4.62 -4.11 -0.33
N LEU A 6 4.28 -5.13 0.46
CA LEU A 6 3.14 -5.07 1.37
C LEU A 6 3.61 -4.57 2.75
N ALA A 7 2.95 -3.52 3.25
CA ALA A 7 3.31 -2.92 4.53
C ALA A 7 2.70 -3.69 5.71
N ASP A 8 3.55 -4.05 6.67
CA ASP A 8 3.12 -4.79 7.85
C ASP A 8 2.39 -3.90 8.87
N THR A 9 2.43 -2.58 8.67
CA THR A 9 1.76 -1.66 9.58
C THR A 9 0.51 -1.07 8.93
N TYR A 10 -0.44 -1.95 8.63
CA TYR A 10 -1.70 -1.58 8.01
C TYR A 10 -2.84 -1.67 9.06
N ARG A 11 -4.10 -1.57 8.65
CA ARG A 11 -5.21 -1.62 9.59
C ARG A 11 -5.97 -2.95 9.52
N GLY A 12 -5.26 -4.00 9.11
CA GLY A 12 -5.86 -5.31 9.00
C GLY A 12 -6.68 -5.48 7.72
N VAL A 13 -7.95 -5.09 7.77
CA VAL A 13 -8.84 -5.21 6.61
C VAL A 13 -8.87 -3.93 5.75
N CYS A 14 -9.32 -4.08 4.50
CA CYS A 14 -9.43 -2.96 3.56
C CYS A 14 -10.88 -2.74 3.12
N PHE A 15 -11.26 -1.48 2.95
CA PHE A 15 -12.62 -1.13 2.53
C PHE A 15 -12.62 -0.39 1.18
N THR A 16 -11.74 0.60 1.04
CA THR A 16 -11.64 1.38 -0.20
C THR A 16 -10.19 1.58 -0.62
N ASN A 17 -9.97 1.71 -1.93
CA ASN A 17 -8.62 1.90 -2.49
C ASN A 17 -7.84 3.03 -1.78
N ALA A 18 -8.55 4.00 -1.20
CA ALA A 18 -7.92 5.11 -0.50
C ALA A 18 -7.21 4.67 0.79
N SER A 19 -7.66 3.58 1.40
CA SER A 19 -7.06 3.09 2.65
C SER A 19 -5.57 2.78 2.47
N CYS A 20 -5.21 2.11 1.37
CA CYS A 20 -3.80 1.77 1.09
C CYS A 20 -3.01 3.00 0.64
N ASP A 21 -3.62 3.81 -0.23
CA ASP A 21 -2.97 5.02 -0.76
C ASP A 21 -2.45 5.89 0.41
N ASP A 22 -3.37 6.39 1.22
CA ASP A 22 -3.02 7.20 2.40
C ASP A 22 -1.97 6.48 3.22
N HIS A 23 -2.33 5.24 3.57
CA HIS A 23 -1.47 4.33 4.32
C HIS A 23 -0.06 4.30 3.74
N CYS A 24 0.05 3.89 2.49
CA CYS A 24 1.35 3.84 1.81
C CYS A 24 2.06 5.19 1.90
N LYS A 25 1.43 6.24 1.39
CA LYS A 25 2.00 7.60 1.42
C LYS A 25 2.52 7.97 2.81
N ASN A 26 1.72 7.67 3.84
CA ASN A 26 2.08 7.99 5.22
C ASN A 26 3.07 6.99 5.82
N LYS A 27 2.90 5.70 5.52
CA LYS A 27 3.80 4.66 6.05
C LYS A 27 5.11 4.60 5.28
N ALA A 28 5.02 4.43 3.96
CA ALA A 28 6.20 4.37 3.10
C ALA A 28 6.05 5.37 1.96
N HIS A 29 6.44 6.61 2.25
CA HIS A 29 6.37 7.77 1.34
C HIS A 29 6.72 7.42 -0.11
N LEU A 30 5.80 6.72 -0.75
CA LEU A 30 5.93 6.31 -2.14
C LEU A 30 4.84 6.98 -3.01
N ILE A 31 4.77 6.58 -4.28
CA ILE A 31 3.80 7.17 -5.21
C ILE A 31 2.36 6.72 -4.96
N SER A 32 2.11 5.42 -4.87
CA SER A 32 0.74 4.90 -4.66
C SER A 32 0.72 3.50 -4.06
N GLY A 33 -0.46 3.09 -3.58
CA GLY A 33 -0.65 1.77 -3.00
C GLY A 33 -2.10 1.31 -3.03
N THR A 34 -2.35 0.07 -3.44
CA THR A 34 -3.72 -0.45 -3.52
C THR A 34 -3.92 -1.68 -2.61
N CYS A 35 -5.17 -2.14 -2.53
CA CYS A 35 -5.53 -3.29 -1.70
C CYS A 35 -5.47 -4.60 -2.49
N HIS A 36 -4.76 -5.58 -1.94
CA HIS A 36 -4.62 -6.91 -2.54
C HIS A 36 -4.96 -7.98 -1.51
N ASN A 37 -5.96 -8.81 -1.79
CA ASN A 37 -6.35 -9.88 -0.85
C ASN A 37 -6.61 -9.29 0.55
N TRP A 38 -7.20 -8.09 0.59
CA TRP A 38 -7.49 -7.38 1.85
C TRP A 38 -6.21 -6.79 2.48
N LYS A 39 -5.09 -6.89 1.76
CA LYS A 39 -3.80 -6.35 2.25
C LYS A 39 -3.39 -5.12 1.43
N CYS A 40 -2.39 -4.37 1.91
CA CYS A 40 -1.93 -3.17 1.21
C CYS A 40 -0.53 -3.34 0.65
N PHE A 41 -0.40 -3.02 -0.63
CA PHE A 41 0.89 -3.07 -1.33
C PHE A 41 1.20 -1.68 -1.85
N CYS A 42 2.45 -1.28 -1.74
CA CYS A 42 2.85 0.04 -2.21
C CYS A 42 3.66 -0.10 -3.50
N THR A 43 3.81 1.01 -4.22
CA THR A 43 4.53 0.99 -5.49
C THR A 43 5.90 1.66 -5.34
N GLN A 44 6.96 0.89 -5.62
CA GLN A 44 8.32 1.41 -5.51
C GLN A 44 9.17 1.02 -6.73
N ASN A 45 9.81 2.02 -7.32
CA ASN A 45 10.65 1.81 -8.50
C ASN A 45 11.99 1.16 -8.11
N CYS A 46 12.40 0.14 -8.86
CA CYS A 46 13.66 -0.57 -8.58
C CYS A 46 14.25 -1.18 -9.86
N LYS A 1 10.89 -1.65 -14.86
CA LYS A 1 9.81 -2.21 -13.99
C LYS A 1 9.77 -1.49 -12.64
N THR A 2 8.86 -1.91 -11.76
CA THR A 2 8.73 -1.32 -10.42
C THR A 2 8.75 -2.39 -9.35
N CYS A 3 8.97 -1.97 -8.10
CA CYS A 3 9.01 -2.91 -6.98
C CYS A 3 7.83 -2.70 -6.04
N GLU A 4 7.11 -3.79 -5.76
CA GLU A 4 5.95 -3.75 -4.86
C GLU A 4 6.21 -4.53 -3.58
N HIS A 5 5.81 -3.95 -2.45
CA HIS A 5 5.99 -4.59 -1.15
C HIS A 5 4.78 -4.35 -0.25
N LEU A 6 4.36 -5.40 0.47
CA LEU A 6 3.23 -5.31 1.38
C LEU A 6 3.70 -4.78 2.74
N ALA A 7 3.01 -3.76 3.24
CA ALA A 7 3.37 -3.12 4.51
C ALA A 7 2.71 -3.80 5.71
N ASP A 8 3.56 -4.25 6.64
CA ASP A 8 3.11 -4.93 7.87
C ASP A 8 2.45 -3.99 8.87
N THR A 9 2.58 -2.68 8.67
CA THR A 9 1.98 -1.72 9.59
C THR A 9 0.75 -1.08 8.94
N TYR A 10 -0.22 -1.93 8.62
CA TYR A 10 -1.46 -1.51 7.99
C TYR A 10 -2.61 -1.59 9.04
N ARG A 11 -3.86 -1.54 8.61
CA ARG A 11 -5.01 -1.55 9.52
C ARG A 11 -5.73 -2.91 9.44
N GLY A 12 -7.04 -2.89 9.69
CA GLY A 12 -7.83 -4.13 9.64
C GLY A 12 -8.26 -4.51 8.23
N VAL A 13 -9.57 -4.45 7.98
CA VAL A 13 -10.12 -4.79 6.66
C VAL A 13 -10.10 -3.61 5.69
N CYS A 14 -10.04 -3.89 4.39
CA CYS A 14 -10.02 -2.84 3.37
C CYS A 14 -11.37 -2.70 2.68
N PHE A 15 -11.78 -1.46 2.44
CA PHE A 15 -13.05 -1.17 1.78
C PHE A 15 -12.85 -0.35 0.50
N THR A 16 -11.94 0.64 0.54
CA THR A 16 -11.67 1.49 -0.62
C THR A 16 -10.17 1.59 -0.92
N ASN A 17 -9.84 1.73 -2.21
CA ASN A 17 -8.45 1.82 -2.67
C ASN A 17 -7.65 2.93 -1.96
N ALA A 18 -8.36 3.90 -1.36
CA ALA A 18 -7.70 5.01 -0.67
C ALA A 18 -6.91 4.57 0.56
N SER A 19 -7.35 3.50 1.23
CA SER A 19 -6.66 3.02 2.44
C SER A 19 -5.17 2.81 2.18
N CYS A 20 -4.85 1.84 1.31
CA CYS A 20 -3.47 1.53 0.95
C CYS A 20 -2.70 2.75 0.47
N ASP A 21 -3.32 3.57 -0.40
CA ASP A 21 -2.64 4.76 -0.92
C ASP A 21 -2.12 5.64 0.23
N ASP A 22 -3.05 6.24 0.99
CA ASP A 22 -2.69 7.07 2.14
C ASP A 22 -1.67 6.32 2.99
N HIS A 23 -2.08 5.12 3.38
CA HIS A 23 -1.25 4.21 4.15
C HIS A 23 0.16 4.15 3.58
N CYS A 24 0.26 3.76 2.32
CA CYS A 24 1.55 3.70 1.63
C CYS A 24 2.27 5.04 1.65
N LYS A 25 1.60 6.10 1.23
CA LYS A 25 2.20 7.44 1.19
C LYS A 25 2.70 7.88 2.57
N ASN A 26 1.91 7.59 3.61
CA ASN A 26 2.27 7.98 4.97
C ASN A 26 3.18 6.96 5.68
N LYS A 27 2.98 5.67 5.43
CA LYS A 27 3.81 4.63 6.06
C LYS A 27 5.16 4.46 5.35
N ALA A 28 5.11 4.24 4.04
CA ALA A 28 6.32 4.05 3.25
C ALA A 28 6.32 4.99 2.03
N HIS A 29 6.73 6.23 2.28
CA HIS A 29 6.80 7.33 1.30
C HIS A 29 6.99 6.86 -0.15
N LEU A 30 5.91 6.36 -0.70
CA LEU A 30 5.87 5.87 -2.09
C LEU A 30 4.83 6.61 -2.92
N ILE A 31 4.74 6.25 -4.20
CA ILE A 31 3.81 6.87 -5.13
C ILE A 31 2.37 6.41 -4.93
N SER A 32 2.16 5.10 -4.81
CA SER A 32 0.80 4.57 -4.62
C SER A 32 0.79 3.14 -4.05
N GLY A 33 -0.39 2.73 -3.58
CA GLY A 33 -0.58 1.40 -3.00
C GLY A 33 -2.03 0.95 -3.09
N THR A 34 -2.25 -0.33 -3.37
CA THR A 34 -3.61 -0.86 -3.49
C THR A 34 -3.85 -2.06 -2.56
N CYS A 35 -5.13 -2.37 -2.32
CA CYS A 35 -5.51 -3.48 -1.44
C CYS A 35 -5.47 -4.82 -2.17
N HIS A 36 -4.72 -5.77 -1.62
CA HIS A 36 -4.62 -7.12 -2.18
C HIS A 36 -4.90 -8.15 -1.08
N ASN A 37 -5.88 -9.02 -1.31
CA ASN A 37 -6.23 -10.04 -0.30
C ASN A 37 -6.52 -9.38 1.06
N TRP A 38 -7.08 -8.17 1.01
CA TRP A 38 -7.39 -7.39 2.22
C TRP A 38 -6.13 -6.77 2.85
N LYS A 39 -4.99 -6.90 2.16
CA LYS A 39 -3.72 -6.34 2.65
C LYS A 39 -3.30 -5.16 1.76
N CYS A 40 -2.20 -4.49 2.12
CA CYS A 40 -1.74 -3.34 1.34
C CYS A 40 -0.36 -3.54 0.74
N PHE A 41 -0.26 -3.24 -0.55
CA PHE A 41 0.99 -3.34 -1.28
C PHE A 41 1.38 -1.97 -1.80
N CYS A 42 2.63 -1.58 -1.57
CA CYS A 42 3.12 -0.29 -2.01
C CYS A 42 4.09 -0.49 -3.17
N THR A 43 3.99 0.37 -4.18
CA THR A 43 4.86 0.26 -5.37
C THR A 43 5.89 1.38 -5.40
N GLN A 44 7.14 1.00 -5.68
CA GLN A 44 8.25 1.94 -5.74
C GLN A 44 9.07 1.75 -7.02
N ASN A 45 9.55 2.86 -7.58
CA ASN A 45 10.36 2.82 -8.79
C ASN A 45 11.70 2.12 -8.50
N CYS A 46 12.09 1.19 -9.36
CA CYS A 46 13.35 0.45 -9.16
C CYS A 46 13.91 -0.07 -10.48
N LYS A 1 10.23 -0.97 -15.03
CA LYS A 1 9.39 -1.77 -14.10
C LYS A 1 9.36 -1.15 -12.70
N THR A 2 8.61 -1.77 -11.78
CA THR A 2 8.51 -1.28 -10.40
C THR A 2 8.43 -2.43 -9.41
N CYS A 3 8.76 -2.16 -8.15
CA CYS A 3 8.74 -3.18 -7.10
C CYS A 3 7.59 -2.95 -6.12
N GLU A 4 6.76 -3.98 -5.92
CA GLU A 4 5.63 -3.90 -5.00
C GLU A 4 5.86 -4.78 -3.77
N HIS A 5 5.50 -4.25 -2.60
CA HIS A 5 5.65 -4.99 -1.34
C HIS A 5 4.52 -4.65 -0.36
N LEU A 6 4.09 -5.66 0.41
CA LEU A 6 3.04 -5.50 1.42
C LEU A 6 3.66 -5.04 2.74
N ALA A 7 3.09 -3.98 3.32
CA ALA A 7 3.60 -3.43 4.57
C ALA A 7 2.96 -4.07 5.81
N ASP A 8 3.80 -4.59 6.71
CA ASP A 8 3.35 -5.21 7.96
C ASP A 8 2.76 -4.20 8.94
N THR A 9 2.92 -2.92 8.65
CA THR A 9 2.41 -1.89 9.55
C THR A 9 1.16 -1.24 8.94
N TYR A 10 0.18 -2.10 8.66
CA TYR A 10 -1.10 -1.67 8.10
C TYR A 10 -2.19 -1.80 9.17
N ARG A 11 -3.24 -0.99 9.02
CA ARG A 11 -4.34 -0.95 10.00
C ARG A 11 -5.64 -1.53 9.45
N GLY A 12 -6.16 -2.53 10.15
CA GLY A 12 -7.42 -3.17 9.76
C GLY A 12 -7.41 -3.72 8.35
N VAL A 13 -8.60 -4.07 7.86
CA VAL A 13 -8.77 -4.61 6.51
C VAL A 13 -9.07 -3.48 5.52
N CYS A 14 -8.74 -3.67 4.25
CA CYS A 14 -9.01 -2.64 3.23
C CYS A 14 -10.37 -2.85 2.56
N PHE A 15 -11.08 -1.74 2.36
CA PHE A 15 -12.39 -1.77 1.71
C PHE A 15 -12.37 -0.94 0.42
N THR A 16 -11.62 0.16 0.41
CA THR A 16 -11.52 1.03 -0.77
C THR A 16 -10.06 1.31 -1.12
N ASN A 17 -9.77 1.43 -2.42
CA ASN A 17 -8.42 1.69 -2.91
C ASN A 17 -7.71 2.80 -2.11
N ALA A 18 -8.46 3.82 -1.70
CA ALA A 18 -7.91 4.94 -0.94
C ALA A 18 -7.28 4.53 0.40
N SER A 19 -7.70 3.38 0.96
CA SER A 19 -7.17 2.92 2.24
C SER A 19 -5.67 2.62 2.18
N CYS A 20 -5.23 1.97 1.10
CA CYS A 20 -3.81 1.63 0.92
C CYS A 20 -3.00 2.82 0.41
N ASP A 21 -3.58 3.57 -0.53
CA ASP A 21 -2.88 4.74 -1.10
C ASP A 21 -2.36 5.64 0.03
N ASP A 22 -3.30 6.26 0.76
CA ASP A 22 -2.96 7.13 1.89
C ASP A 22 -1.95 6.41 2.80
N HIS A 23 -2.35 5.21 3.20
CA HIS A 23 -1.54 4.34 4.03
C HIS A 23 -0.11 4.25 3.50
N CYS A 24 0.04 3.77 2.28
CA CYS A 24 1.36 3.66 1.64
C CYS A 24 2.12 4.99 1.64
N LYS A 25 1.48 6.03 1.10
CA LYS A 25 2.11 7.36 1.03
C LYS A 25 2.54 7.88 2.41
N ASN A 26 1.70 7.67 3.41
CA ASN A 26 2.00 8.14 4.78
C ASN A 26 2.86 7.17 5.58
N LYS A 27 2.69 5.86 5.37
CA LYS A 27 3.47 4.86 6.12
C LYS A 27 4.84 4.61 5.48
N ALA A 28 4.85 4.33 4.19
CA ALA A 28 6.09 4.07 3.47
C ALA A 28 6.21 4.99 2.27
N HIS A 29 6.69 6.21 2.54
CA HIS A 29 6.89 7.29 1.56
C HIS A 29 7.12 6.79 0.12
N LEU A 30 6.04 6.32 -0.47
CA LEU A 30 6.06 5.81 -1.85
C LEU A 30 5.08 6.58 -2.75
N ILE A 31 4.95 6.13 -4.00
CA ILE A 31 4.09 6.76 -4.99
C ILE A 31 2.63 6.29 -4.90
N SER A 32 2.41 4.97 -4.80
CA SER A 32 1.05 4.44 -4.74
C SER A 32 0.93 3.18 -3.86
N GLY A 33 -0.29 2.92 -3.39
CA GLY A 33 -0.56 1.75 -2.55
C GLY A 33 -1.94 1.17 -2.83
N THR A 34 -1.97 -0.01 -3.44
CA THR A 34 -3.24 -0.67 -3.77
C THR A 34 -3.56 -1.82 -2.82
N CYS A 35 -4.83 -2.17 -2.73
CA CYS A 35 -5.28 -3.24 -1.84
C CYS A 35 -5.32 -4.59 -2.55
N HIS A 36 -4.86 -5.63 -1.84
CA HIS A 36 -4.85 -6.99 -2.38
C HIS A 36 -5.50 -7.96 -1.41
N ASN A 37 -6.61 -8.59 -1.85
CA ASN A 37 -7.34 -9.55 -1.03
C ASN A 37 -7.89 -8.86 0.22
N TRP A 38 -7.02 -8.61 1.18
CA TRP A 38 -7.39 -7.95 2.43
C TRP A 38 -6.19 -7.19 3.04
N LYS A 39 -5.17 -6.88 2.23
CA LYS A 39 -3.97 -6.19 2.73
C LYS A 39 -3.53 -5.02 1.83
N CYS A 40 -2.45 -4.35 2.23
CA CYS A 40 -1.93 -3.21 1.48
C CYS A 40 -0.52 -3.45 0.94
N PHE A 41 -0.38 -3.27 -0.36
CA PHE A 41 0.90 -3.43 -1.03
C PHE A 41 1.31 -2.08 -1.61
N CYS A 42 2.55 -1.70 -1.38
CA CYS A 42 3.04 -0.42 -1.86
C CYS A 42 4.00 -0.62 -3.03
N THR A 43 3.93 0.27 -4.01
CA THR A 43 4.80 0.17 -5.19
C THR A 43 5.86 1.26 -5.16
N GLN A 44 7.11 0.87 -5.39
CA GLN A 44 8.22 1.82 -5.38
C GLN A 44 9.07 1.66 -6.63
N ASN A 45 9.58 2.79 -7.12
CA ASN A 45 10.44 2.80 -8.31
C ASN A 45 11.69 1.97 -8.06
N CYS A 46 12.05 1.12 -9.03
CA CYS A 46 13.23 0.26 -8.90
C CYS A 46 13.74 -0.19 -10.27
N LYS A 1 11.37 -1.18 -14.64
CA LYS A 1 10.23 -1.89 -13.99
C LYS A 1 10.04 -1.42 -12.54
N THR A 2 9.14 -2.06 -11.80
CA THR A 2 8.88 -1.69 -10.41
C THR A 2 8.62 -2.92 -9.54
N CYS A 3 8.67 -2.70 -8.23
CA CYS A 3 8.44 -3.76 -7.25
C CYS A 3 7.44 -3.31 -6.18
N GLU A 4 6.52 -4.20 -5.82
CA GLU A 4 5.52 -3.90 -4.81
C GLU A 4 5.78 -4.70 -3.53
N HIS A 5 5.42 -4.11 -2.40
CA HIS A 5 5.61 -4.77 -1.10
C HIS A 5 4.44 -4.46 -0.15
N LEU A 6 4.04 -5.48 0.61
CA LEU A 6 2.95 -5.33 1.58
C LEU A 6 3.49 -4.84 2.92
N ALA A 7 2.94 -3.73 3.41
CA ALA A 7 3.39 -3.14 4.67
C ALA A 7 2.70 -3.79 5.88
N ASP A 8 3.51 -4.27 6.82
CA ASP A 8 3.02 -4.92 8.04
C ASP A 8 2.38 -3.91 9.02
N THR A 9 2.51 -2.61 8.73
CA THR A 9 1.94 -1.59 9.59
C THR A 9 0.71 -0.97 8.93
N TYR A 10 -0.27 -1.82 8.64
CA TYR A 10 -1.52 -1.41 8.02
C TYR A 10 -2.66 -1.47 9.06
N ARG A 11 -3.91 -1.36 8.62
CA ARG A 11 -5.03 -1.38 9.53
C ARG A 11 -5.81 -2.70 9.42
N GLY A 12 -5.08 -3.80 9.21
CA GLY A 12 -5.71 -5.10 9.08
C GLY A 12 -6.37 -5.31 7.72
N VAL A 13 -7.69 -5.16 7.67
CA VAL A 13 -8.46 -5.33 6.43
C VAL A 13 -8.62 -4.01 5.66
N CYS A 14 -8.93 -4.12 4.36
CA CYS A 14 -9.15 -2.96 3.51
C CYS A 14 -10.62 -2.84 3.08
N PHE A 15 -11.07 -1.60 2.86
CA PHE A 15 -12.45 -1.33 2.43
C PHE A 15 -12.49 -0.53 1.13
N THR A 16 -11.63 0.49 1.02
CA THR A 16 -11.57 1.34 -0.18
C THR A 16 -10.14 1.54 -0.65
N ASN A 17 -9.95 1.63 -1.97
CA ASN A 17 -8.62 1.81 -2.57
C ASN A 17 -7.80 2.89 -1.82
N ALA A 18 -8.47 3.96 -1.40
CA ALA A 18 -7.81 5.05 -0.67
C ALA A 18 -7.11 4.56 0.60
N SER A 19 -7.64 3.50 1.21
CA SER A 19 -7.08 2.96 2.45
C SER A 19 -5.58 2.61 2.32
N CYS A 20 -5.17 2.14 1.14
CA CYS A 20 -3.77 1.79 0.91
C CYS A 20 -2.94 2.99 0.46
N ASP A 21 -3.49 3.79 -0.46
CA ASP A 21 -2.80 4.96 -0.98
C ASP A 21 -2.30 5.84 0.18
N ASP A 22 -3.25 6.40 0.95
CA ASP A 22 -2.93 7.23 2.11
C ASP A 22 -1.92 6.50 2.99
N HIS A 23 -2.29 5.27 3.33
CA HIS A 23 -1.46 4.38 4.12
C HIS A 23 -0.04 4.32 3.56
N CYS A 24 0.09 3.86 2.33
CA CYS A 24 1.41 3.78 1.68
C CYS A 24 2.12 5.13 1.70
N LYS A 25 1.45 6.17 1.23
CA LYS A 25 2.06 7.51 1.18
C LYS A 25 2.54 7.98 2.56
N ASN A 26 1.72 7.75 3.58
CA ASN A 26 2.06 8.15 4.94
C ASN A 26 3.02 7.19 5.63
N LYS A 27 2.82 5.88 5.47
CA LYS A 27 3.68 4.89 6.11
C LYS A 27 5.04 4.77 5.40
N ALA A 28 5.00 4.50 4.11
CA ALA A 28 6.23 4.36 3.32
C ALA A 28 6.18 5.26 2.08
N HIS A 29 6.50 6.54 2.31
CA HIS A 29 6.51 7.60 1.30
C HIS A 29 6.77 7.10 -0.12
N LEU A 30 5.74 6.51 -0.71
CA LEU A 30 5.78 5.99 -2.07
C LEU A 30 4.78 6.71 -2.98
N ILE A 31 4.78 6.30 -4.25
CA ILE A 31 3.90 6.89 -5.27
C ILE A 31 2.44 6.47 -5.13
N SER A 32 2.18 5.18 -4.94
CA SER A 32 0.80 4.68 -4.79
C SER A 32 0.73 3.37 -4.01
N GLY A 33 -0.50 2.93 -3.71
CA GLY A 33 -0.71 1.70 -2.97
C GLY A 33 -2.15 1.21 -3.03
N THR A 34 -2.35 0.01 -3.59
CA THR A 34 -3.70 -0.56 -3.71
C THR A 34 -3.93 -1.70 -2.72
N CYS A 35 -5.17 -2.16 -2.66
CA CYS A 35 -5.54 -3.26 -1.76
C CYS A 35 -5.54 -4.59 -2.48
N HIS A 36 -4.90 -5.59 -1.87
CA HIS A 36 -4.83 -6.93 -2.44
C HIS A 36 -5.45 -7.95 -1.48
N ASN A 37 -6.51 -8.62 -1.95
CA ASN A 37 -7.23 -9.60 -1.16
C ASN A 37 -7.84 -8.94 0.08
N TRP A 38 -7.00 -8.65 1.07
CA TRP A 38 -7.42 -7.99 2.31
C TRP A 38 -6.28 -7.12 2.89
N LYS A 39 -5.21 -6.87 2.12
CA LYS A 39 -4.07 -6.09 2.61
C LYS A 39 -3.63 -4.98 1.65
N CYS A 40 -2.57 -4.26 2.04
CA CYS A 40 -2.03 -3.18 1.23
C CYS A 40 -0.62 -3.45 0.74
N PHE A 41 -0.41 -3.18 -0.53
CA PHE A 41 0.90 -3.33 -1.16
C PHE A 41 1.30 -1.98 -1.74
N CYS A 42 2.53 -1.57 -1.50
CA CYS A 42 2.99 -0.28 -1.99
C CYS A 42 3.97 -0.47 -3.16
N THR A 43 3.93 0.44 -4.13
CA THR A 43 4.80 0.36 -5.31
C THR A 43 5.88 1.42 -5.27
N GLN A 44 7.11 1.01 -5.57
CA GLN A 44 8.26 1.90 -5.58
C GLN A 44 9.18 1.61 -6.76
N ASN A 45 9.77 2.66 -7.32
CA ASN A 45 10.70 2.52 -8.45
C ASN A 45 11.95 1.76 -8.03
N CYS A 46 12.22 0.64 -8.71
CA CYS A 46 13.40 -0.18 -8.40
C CYS A 46 13.97 -0.81 -9.68
N LYS A 1 10.77 -1.95 -14.24
CA LYS A 1 9.45 -2.38 -13.70
C LYS A 1 9.21 -1.83 -12.29
N THR A 2 8.18 -2.31 -11.60
CA THR A 2 7.89 -1.85 -10.25
C THR A 2 7.73 -3.03 -9.30
N CYS A 3 8.07 -2.81 -8.04
CA CYS A 3 7.95 -3.86 -7.03
C CYS A 3 6.96 -3.48 -5.95
N GLU A 4 6.19 -4.47 -5.50
CA GLU A 4 5.19 -4.26 -4.45
C GLU A 4 5.57 -4.95 -3.15
N HIS A 5 5.33 -4.25 -2.04
CA HIS A 5 5.63 -4.77 -0.71
C HIS A 5 4.55 -4.40 0.29
N LEU A 6 4.25 -5.33 1.20
CA LEU A 6 3.25 -5.12 2.24
C LEU A 6 3.92 -4.53 3.50
N ALA A 7 3.44 -3.36 3.94
CA ALA A 7 4.03 -2.70 5.12
C ALA A 7 3.48 -3.28 6.43
N ASP A 8 4.40 -3.63 7.32
CA ASP A 8 4.06 -4.22 8.63
C ASP A 8 3.68 -3.14 9.67
N THR A 9 3.05 -2.05 9.23
CA THR A 9 2.62 -0.98 10.14
C THR A 9 1.10 -0.83 10.11
N TYR A 10 0.51 -1.00 8.92
CA TYR A 10 -0.93 -0.92 8.74
C TYR A 10 -1.44 -2.13 7.96
N ARG A 11 -2.24 -2.96 8.61
CA ARG A 11 -2.76 -4.16 7.94
C ARG A 11 -4.15 -4.55 8.44
N GLY A 12 -5.18 -4.13 7.70
CA GLY A 12 -6.56 -4.46 8.07
C GLY A 12 -7.41 -4.79 6.86
N VAL A 13 -8.70 -4.98 7.08
CA VAL A 13 -9.63 -5.30 5.99
C VAL A 13 -9.79 -4.10 5.07
N CYS A 14 -9.50 -4.26 3.79
CA CYS A 14 -9.64 -3.14 2.84
C CYS A 14 -11.04 -3.08 2.23
N PHE A 15 -11.53 -1.87 2.02
CA PHE A 15 -12.85 -1.63 1.44
C PHE A 15 -12.76 -0.77 0.18
N THR A 16 -11.91 0.27 0.23
CA THR A 16 -11.71 1.18 -0.91
C THR A 16 -10.22 1.36 -1.19
N ASN A 17 -9.89 1.66 -2.44
CA ASN A 17 -8.50 1.87 -2.86
C ASN A 17 -7.78 2.98 -2.08
N ALA A 18 -8.56 3.91 -1.51
CA ALA A 18 -7.99 5.03 -0.75
C ALA A 18 -7.39 4.61 0.59
N SER A 19 -7.72 3.42 1.09
CA SER A 19 -7.20 2.94 2.37
C SER A 19 -5.68 2.69 2.32
N CYS A 20 -5.25 1.90 1.34
CA CYS A 20 -3.82 1.58 1.19
C CYS A 20 -3.04 2.79 0.70
N ASP A 21 -3.61 3.52 -0.25
CA ASP A 21 -2.95 4.71 -0.77
C ASP A 21 -2.52 5.60 0.40
N ASP A 22 -3.50 5.98 1.22
CA ASP A 22 -3.23 6.79 2.41
C ASP A 22 -2.14 6.13 3.23
N HIS A 23 -2.35 4.84 3.51
CA HIS A 23 -1.38 4.03 4.23
C HIS A 23 0.00 4.27 3.66
N CYS A 24 0.14 4.04 2.36
CA CYS A 24 1.40 4.23 1.67
C CYS A 24 1.93 5.65 1.81
N LYS A 25 1.09 6.65 1.55
CA LYS A 25 1.54 8.06 1.66
C LYS A 25 1.95 8.44 3.08
N ASN A 26 1.22 7.92 4.07
CA ASN A 26 1.49 8.24 5.47
C ASN A 26 2.47 7.28 6.17
N LYS A 27 2.52 6.02 5.74
CA LYS A 27 3.41 5.04 6.38
C LYS A 27 4.74 4.90 5.64
N ALA A 28 4.68 4.68 4.33
CA ALA A 28 5.89 4.51 3.53
C ALA A 28 5.88 5.42 2.31
N HIS A 29 6.32 6.66 2.53
CA HIS A 29 6.39 7.74 1.53
C HIS A 29 6.80 7.26 0.13
N LEU A 30 5.90 6.54 -0.51
CA LEU A 30 6.12 6.04 -1.87
C LEU A 30 5.24 6.78 -2.88
N ILE A 31 5.13 6.25 -4.10
CA ILE A 31 4.35 6.90 -5.16
C ILE A 31 2.86 6.58 -5.11
N SER A 32 2.48 5.31 -4.95
CA SER A 32 1.06 4.95 -4.90
C SER A 32 0.84 3.60 -4.24
N GLY A 33 -0.31 3.45 -3.56
CA GLY A 33 -0.62 2.19 -2.87
C GLY A 33 -2.01 1.65 -3.19
N THR A 34 -2.09 0.34 -3.43
CA THR A 34 -3.37 -0.33 -3.75
C THR A 34 -3.67 -1.49 -2.80
N CYS A 35 -4.92 -1.98 -2.81
CA CYS A 35 -5.34 -3.09 -1.96
C CYS A 35 -5.20 -4.45 -2.65
N HIS A 36 -4.56 -5.39 -1.97
CA HIS A 36 -4.41 -6.75 -2.48
C HIS A 36 -5.26 -7.70 -1.65
N ASN A 37 -6.58 -7.67 -1.92
CA ASN A 37 -7.56 -8.48 -1.21
C ASN A 37 -7.81 -7.93 0.21
N TRP A 38 -6.87 -8.19 1.12
CA TRP A 38 -7.00 -7.71 2.50
C TRP A 38 -5.69 -7.12 3.02
N LYS A 39 -4.71 -6.90 2.14
CA LYS A 39 -3.43 -6.36 2.55
C LYS A 39 -3.08 -5.09 1.76
N CYS A 40 -2.33 -4.18 2.37
CA CYS A 40 -1.94 -2.94 1.70
C CYS A 40 -0.47 -2.94 1.28
N PHE A 41 -0.26 -2.95 -0.04
CA PHE A 41 1.07 -2.92 -0.62
C PHE A 41 1.32 -1.57 -1.27
N CYS A 42 2.58 -1.18 -1.34
CA CYS A 42 2.95 0.08 -1.94
C CYS A 42 3.73 -0.18 -3.23
N THR A 43 3.88 0.86 -4.06
CA THR A 43 4.61 0.72 -5.31
C THR A 43 5.96 1.43 -5.24
N GLN A 44 6.98 0.76 -5.75
CA GLN A 44 8.34 1.30 -5.73
C GLN A 44 9.09 0.90 -7.01
N ASN A 45 9.96 1.79 -7.48
CA ASN A 45 10.76 1.56 -8.67
C ASN A 45 11.77 0.43 -8.46
N CYS A 46 11.94 -0.44 -9.47
CA CYS A 46 12.88 -1.56 -9.37
C CYS A 46 13.15 -2.23 -10.73
N LYS A 1 11.83 0.61 -14.07
CA LYS A 1 10.88 -0.41 -13.54
C LYS A 1 10.53 -0.15 -12.08
N THR A 2 9.52 -0.86 -11.56
CA THR A 2 9.08 -0.68 -10.18
C THR A 2 8.79 -2.04 -9.52
N CYS A 3 8.89 -2.09 -8.19
CA CYS A 3 8.64 -3.33 -7.46
C CYS A 3 7.39 -3.22 -6.59
N GLU A 4 6.71 -4.37 -6.37
CA GLU A 4 5.52 -4.41 -5.54
C GLU A 4 5.81 -5.14 -4.22
N HIS A 5 5.53 -4.47 -3.11
CA HIS A 5 5.77 -5.05 -1.79
C HIS A 5 4.66 -4.73 -0.81
N LEU A 6 4.20 -5.76 -0.10
CA LEU A 6 3.14 -5.61 0.89
C LEU A 6 3.69 -4.95 2.15
N ALA A 7 3.02 -3.90 2.62
CA ALA A 7 3.46 -3.18 3.81
C ALA A 7 2.89 -3.79 5.09
N ASP A 8 3.78 -4.08 6.04
CA ASP A 8 3.40 -4.69 7.32
C ASP A 8 2.87 -3.67 8.34
N THR A 9 2.93 -2.37 8.01
CA THR A 9 2.42 -1.33 8.93
C THR A 9 1.11 -0.76 8.39
N TYR A 10 0.16 -1.66 8.14
CA TYR A 10 -1.15 -1.29 7.62
C TYR A 10 -2.20 -1.41 8.74
N ARG A 11 -3.49 -1.46 8.39
CA ARG A 11 -4.56 -1.53 9.37
C ARG A 11 -5.21 -2.93 9.36
N GLY A 12 -6.50 -3.00 9.67
CA GLY A 12 -7.20 -4.27 9.68
C GLY A 12 -7.85 -4.59 8.35
N VAL A 13 -9.14 -4.30 8.24
CA VAL A 13 -9.90 -4.57 7.00
C VAL A 13 -9.89 -3.37 6.04
N CYS A 14 -9.80 -3.64 4.74
CA CYS A 14 -9.81 -2.57 3.73
C CYS A 14 -11.17 -2.47 3.04
N PHE A 15 -11.53 -1.25 2.62
CA PHE A 15 -12.80 -1.02 1.94
C PHE A 15 -12.60 -0.34 0.57
N THR A 16 -11.81 0.73 0.55
CA THR A 16 -11.57 1.47 -0.70
C THR A 16 -10.07 1.58 -1.01
N ASN A 17 -9.73 1.56 -2.30
CA ASN A 17 -8.34 1.66 -2.76
C ASN A 17 -7.54 2.70 -1.97
N ALA A 18 -8.19 3.81 -1.61
CA ALA A 18 -7.56 4.89 -0.84
C ALA A 18 -6.90 4.39 0.45
N SER A 19 -7.44 3.31 1.03
CA SER A 19 -6.91 2.74 2.28
C SER A 19 -5.40 2.49 2.20
N CYS A 20 -4.95 1.87 1.11
CA CYS A 20 -3.53 1.58 0.91
C CYS A 20 -2.75 2.82 0.48
N ASP A 21 -3.34 3.59 -0.44
CA ASP A 21 -2.70 4.80 -0.96
C ASP A 21 -2.23 5.71 0.19
N ASP A 22 -3.18 6.27 0.94
CA ASP A 22 -2.85 7.11 2.10
C ASP A 22 -1.82 6.41 2.96
N HIS A 23 -2.22 5.24 3.44
CA HIS A 23 -1.38 4.37 4.26
C HIS A 23 0.06 4.39 3.75
N CYS A 24 0.27 3.87 2.56
CA CYS A 24 1.62 3.84 1.98
C CYS A 24 2.21 5.26 1.86
N LYS A 25 1.44 6.22 1.35
CA LYS A 25 1.93 7.59 1.23
C LYS A 25 2.41 8.15 2.58
N ASN A 26 1.65 7.87 3.63
CA ASN A 26 2.00 8.35 4.98
C ASN A 26 2.95 7.39 5.72
N LYS A 27 2.80 6.09 5.53
CA LYS A 27 3.64 5.09 6.19
C LYS A 27 5.01 4.99 5.53
N ALA A 28 5.02 4.63 4.25
CA ALA A 28 6.25 4.49 3.49
C ALA A 28 6.16 5.24 2.18
N HIS A 29 6.48 6.52 2.25
CA HIS A 29 6.43 7.47 1.12
C HIS A 29 6.69 6.82 -0.25
N LEU A 30 5.68 6.12 -0.73
CA LEU A 30 5.69 5.47 -2.04
C LEU A 30 4.82 6.24 -3.03
N ILE A 31 4.68 5.70 -4.25
CA ILE A 31 3.89 6.34 -5.28
C ILE A 31 2.41 6.00 -5.21
N SER A 32 2.09 4.72 -5.02
CA SER A 32 0.69 4.27 -4.94
C SER A 32 0.53 3.03 -4.07
N GLY A 33 -0.73 2.64 -3.80
CA GLY A 33 -1.01 1.47 -2.99
C GLY A 33 -2.40 0.90 -3.20
N THR A 34 -2.50 -0.42 -3.40
CA THR A 34 -3.79 -1.08 -3.62
C THR A 34 -4.04 -2.20 -2.61
N CYS A 35 -5.30 -2.40 -2.23
CA CYS A 35 -5.68 -3.44 -1.27
C CYS A 35 -5.82 -4.82 -1.93
N HIS A 36 -5.21 -5.82 -1.30
CA HIS A 36 -5.26 -7.20 -1.78
C HIS A 36 -5.62 -8.15 -0.64
N ASN A 37 -6.86 -8.65 -0.64
CA ASN A 37 -7.32 -9.57 0.41
C ASN A 37 -6.97 -9.03 1.81
N TRP A 38 -7.49 -7.84 2.13
CA TRP A 38 -7.25 -7.18 3.42
C TRP A 38 -5.77 -6.81 3.62
N LYS A 39 -4.98 -6.80 2.53
CA LYS A 39 -3.55 -6.46 2.61
C LYS A 39 -3.20 -5.31 1.67
N CYS A 40 -2.08 -4.63 1.92
CA CYS A 40 -1.66 -3.51 1.08
C CYS A 40 -0.36 -3.78 0.33
N PHE A 41 -0.44 -3.79 -1.00
CA PHE A 41 0.71 -4.00 -1.85
C PHE A 41 0.98 -2.73 -2.65
N CYS A 42 2.03 -2.02 -2.30
CA CYS A 42 2.36 -0.77 -2.97
C CYS A 42 3.59 -0.91 -3.85
N THR A 43 3.78 0.04 -4.75
CA THR A 43 4.91 0.02 -5.68
C THR A 43 5.95 1.06 -5.32
N GLN A 44 7.21 0.66 -5.44
CA GLN A 44 8.34 1.54 -5.13
C GLN A 44 9.40 1.45 -6.24
N ASN A 45 10.12 2.55 -6.45
CA ASN A 45 11.15 2.60 -7.48
C ASN A 45 12.23 1.54 -7.23
N CYS A 46 12.66 0.86 -8.28
CA CYS A 46 13.68 -0.18 -8.16
C CYS A 46 14.29 -0.55 -9.52
N LYS A 1 10.62 -1.09 -14.78
CA LYS A 1 9.68 -1.87 -13.92
C LYS A 1 9.52 -1.21 -12.55
N THR A 2 8.77 -1.85 -11.66
CA THR A 2 8.53 -1.32 -10.32
C THR A 2 8.47 -2.43 -9.28
N CYS A 3 8.67 -2.07 -8.01
CA CYS A 3 8.64 -3.05 -6.92
C CYS A 3 7.43 -2.85 -6.03
N GLU A 4 6.76 -3.96 -5.70
CA GLU A 4 5.58 -3.93 -4.84
C GLU A 4 5.88 -4.57 -3.49
N HIS A 5 5.53 -3.87 -2.42
CA HIS A 5 5.75 -4.34 -1.07
C HIS A 5 4.51 -4.12 -0.19
N LEU A 6 4.12 -5.15 0.55
CA LEU A 6 2.96 -5.08 1.45
C LEU A 6 3.36 -4.53 2.81
N ALA A 7 2.57 -3.57 3.31
CA ALA A 7 2.85 -2.94 4.60
C ALA A 7 2.24 -3.72 5.77
N ASP A 8 3.11 -4.29 6.60
CA ASP A 8 2.70 -5.09 7.76
C ASP A 8 1.96 -4.27 8.82
N THR A 9 2.16 -2.95 8.83
CA THR A 9 1.50 -2.09 9.81
C THR A 9 0.39 -1.29 9.13
N TYR A 10 -0.67 -2.00 8.79
CA TYR A 10 -1.83 -1.42 8.14
C TYR A 10 -3.00 -1.37 9.14
N ARG A 11 -4.21 -1.06 8.68
CA ARG A 11 -5.37 -0.97 9.57
C ARG A 11 -6.31 -2.16 9.39
N GLY A 12 -5.72 -3.33 9.12
CA GLY A 12 -6.51 -4.53 8.90
C GLY A 12 -6.98 -4.67 7.47
N VAL A 13 -8.29 -4.53 7.26
CA VAL A 13 -8.88 -4.65 5.92
C VAL A 13 -8.62 -3.38 5.10
N CYS A 14 -8.49 -3.53 3.77
CA CYS A 14 -8.22 -2.38 2.90
C CYS A 14 -9.47 -1.54 2.66
N PHE A 15 -10.60 -2.19 2.37
CA PHE A 15 -11.88 -1.52 2.10
C PHE A 15 -11.90 -0.83 0.74
N THR A 16 -10.97 0.10 0.52
CA THR A 16 -10.91 0.85 -0.74
C THR A 16 -9.47 1.21 -1.11
N ASN A 17 -9.17 1.23 -2.41
CA ASN A 17 -7.83 1.58 -2.88
C ASN A 17 -7.27 2.81 -2.17
N ALA A 18 -8.13 3.81 -1.98
CA ALA A 18 -7.76 5.04 -1.29
C ALA A 18 -7.13 4.76 0.07
N SER A 19 -7.65 3.73 0.76
CA SER A 19 -7.16 3.32 2.08
C SER A 19 -5.66 2.97 2.06
N CYS A 20 -5.17 2.40 0.95
CA CYS A 20 -3.77 2.01 0.83
C CYS A 20 -2.87 3.17 0.43
N ASP A 21 -3.31 3.99 -0.54
CA ASP A 21 -2.50 5.13 -1.00
C ASP A 21 -2.01 5.96 0.19
N ASP A 22 -2.94 6.62 0.89
CA ASP A 22 -2.61 7.41 2.08
C ASP A 22 -1.64 6.63 2.94
N HIS A 23 -2.09 5.45 3.34
CA HIS A 23 -1.31 4.52 4.14
C HIS A 23 0.10 4.39 3.58
N CYS A 24 0.19 4.01 2.31
CA CYS A 24 1.49 3.88 1.64
C CYS A 24 2.29 5.18 1.72
N LYS A 25 1.69 6.29 1.29
CA LYS A 25 2.37 7.59 1.31
C LYS A 25 2.83 8.00 2.72
N ASN A 26 2.01 7.72 3.73
CA ASN A 26 2.33 8.09 5.11
C ASN A 26 3.14 7.02 5.85
N LYS A 27 2.95 5.74 5.51
CA LYS A 27 3.70 4.66 6.18
C LYS A 27 5.03 4.36 5.50
N ALA A 28 5.00 4.08 4.21
CA ALA A 28 6.20 3.78 3.44
C ALA A 28 6.30 4.70 2.23
N HIS A 29 6.87 5.89 2.49
CA HIS A 29 7.07 6.98 1.52
C HIS A 29 7.16 6.52 0.06
N LEU A 30 6.00 6.13 -0.46
CA LEU A 30 5.85 5.68 -1.84
C LEU A 30 4.77 6.48 -2.57
N ILE A 31 4.53 6.11 -3.83
CA ILE A 31 3.54 6.80 -4.67
C ILE A 31 2.10 6.37 -4.36
N SER A 32 1.83 5.07 -4.32
CA SER A 32 0.46 4.58 -4.06
C SER A 32 0.44 3.12 -3.58
N GLY A 33 -0.79 2.61 -3.40
CA GLY A 33 -0.99 1.24 -2.95
C GLY A 33 -2.36 0.70 -3.34
N THR A 34 -2.47 -0.62 -3.50
CA THR A 34 -3.74 -1.24 -3.89
C THR A 34 -4.16 -2.34 -2.91
N CYS A 35 -5.48 -2.55 -2.79
CA CYS A 35 -6.03 -3.58 -1.91
C CYS A 35 -5.65 -4.97 -2.43
N HIS A 36 -5.06 -5.79 -1.57
CA HIS A 36 -4.66 -7.16 -1.93
C HIS A 36 -4.79 -8.09 -0.72
N ASN A 37 -5.52 -9.20 -0.89
CA ASN A 37 -5.72 -10.15 0.21
C ASN A 37 -6.12 -9.43 1.50
N TRP A 38 -6.98 -8.42 1.36
CA TRP A 38 -7.46 -7.62 2.49
C TRP A 38 -6.31 -6.80 3.12
N LYS A 39 -5.18 -6.69 2.41
CA LYS A 39 -4.01 -5.95 2.90
C LYS A 39 -3.64 -4.79 1.96
N CYS A 40 -2.51 -4.13 2.22
CA CYS A 40 -2.06 -3.01 1.39
C CYS A 40 -0.66 -3.22 0.84
N PHE A 41 -0.56 -3.19 -0.49
CA PHE A 41 0.72 -3.33 -1.18
C PHE A 41 1.10 -1.99 -1.78
N CYS A 42 2.34 -1.56 -1.53
CA CYS A 42 2.82 -0.29 -2.02
C CYS A 42 3.81 -0.51 -3.17
N THR A 43 3.78 0.36 -4.16
CA THR A 43 4.67 0.24 -5.32
C THR A 43 5.75 1.30 -5.33
N GLN A 44 6.98 0.87 -5.65
CA GLN A 44 8.12 1.78 -5.71
C GLN A 44 8.95 1.51 -6.97
N ASN A 45 9.48 2.57 -7.58
CA ASN A 45 10.30 2.46 -8.78
C ASN A 45 11.55 1.61 -8.52
N CYS A 46 11.91 0.77 -9.51
CA CYS A 46 13.09 -0.10 -9.37
C CYS A 46 13.42 -0.81 -10.69
N LYS A 1 8.05 -2.55 -14.54
CA LYS A 1 9.43 -2.28 -14.03
C LYS A 1 9.38 -1.50 -12.71
N THR A 2 8.87 -2.16 -11.68
CA THR A 2 8.74 -1.55 -10.35
C THR A 2 8.72 -2.60 -9.25
N CYS A 3 8.94 -2.17 -8.02
CA CYS A 3 8.95 -3.08 -6.87
C CYS A 3 7.74 -2.84 -5.98
N GLU A 4 7.04 -3.92 -5.66
CA GLU A 4 5.85 -3.87 -4.81
C GLU A 4 6.12 -4.54 -3.46
N HIS A 5 5.69 -3.89 -2.38
CA HIS A 5 5.87 -4.43 -1.03
C HIS A 5 4.65 -4.19 -0.15
N LEU A 6 4.29 -5.20 0.63
CA LEU A 6 3.15 -5.11 1.56
C LEU A 6 3.61 -4.62 2.92
N ALA A 7 3.01 -3.52 3.38
CA ALA A 7 3.37 -2.92 4.66
C ALA A 7 2.65 -3.58 5.83
N ASP A 8 3.45 -4.10 6.77
CA ASP A 8 2.94 -4.77 7.96
C ASP A 8 2.29 -3.79 8.96
N THR A 9 2.43 -2.50 8.70
CA THR A 9 1.86 -1.50 9.61
C THR A 9 0.61 -0.88 8.98
N TYR A 10 -0.34 -1.75 8.64
CA TYR A 10 -1.61 -1.36 8.04
C TYR A 10 -2.74 -1.54 9.06
N ARG A 11 -3.94 -1.10 8.71
CA ARG A 11 -5.09 -1.19 9.58
C ARG A 11 -6.10 -2.25 9.11
N GLY A 12 -6.03 -3.43 9.75
CA GLY A 12 -6.93 -4.52 9.43
C GLY A 12 -7.07 -4.81 7.94
N VAL A 13 -8.31 -5.03 7.51
CA VAL A 13 -8.61 -5.32 6.10
C VAL A 13 -8.91 -4.04 5.30
N CYS A 14 -8.72 -4.10 3.99
CA CYS A 14 -9.00 -2.94 3.13
C CYS A 14 -10.39 -3.02 2.50
N PHE A 15 -11.04 -1.86 2.44
CA PHE A 15 -12.37 -1.75 1.84
C PHE A 15 -12.37 -0.80 0.63
N THR A 16 -11.58 0.28 0.74
CA THR A 16 -11.48 1.26 -0.35
C THR A 16 -10.01 1.51 -0.73
N ASN A 17 -9.73 1.52 -2.04
CA ASN A 17 -8.36 1.75 -2.53
C ASN A 17 -7.63 2.86 -1.76
N ALA A 18 -8.34 3.96 -1.49
CA ALA A 18 -7.76 5.09 -0.76
C ALA A 18 -7.09 4.66 0.55
N SER A 19 -7.54 3.55 1.13
CA SER A 19 -6.96 3.04 2.38
C SER A 19 -5.46 2.76 2.23
N CYS A 20 -5.09 2.04 1.17
CA CYS A 20 -3.69 1.71 0.91
C CYS A 20 -2.89 2.92 0.48
N ASP A 21 -3.45 3.75 -0.40
CA ASP A 21 -2.78 4.95 -0.88
C ASP A 21 -2.30 5.80 0.30
N ASP A 22 -3.26 6.37 1.03
CA ASP A 22 -2.97 7.18 2.22
C ASP A 22 -1.97 6.44 3.11
N HIS A 23 -2.28 5.17 3.34
CA HIS A 23 -1.45 4.27 4.13
C HIS A 23 -0.01 4.24 3.59
N CYS A 24 0.15 3.72 2.39
CA CYS A 24 1.47 3.66 1.76
C CYS A 24 2.14 5.03 1.74
N LYS A 25 1.41 6.03 1.26
CA LYS A 25 1.93 7.40 1.17
C LYS A 25 2.54 7.87 2.50
N ASN A 26 1.83 7.59 3.59
CA ASN A 26 2.27 7.98 4.93
C ASN A 26 3.18 6.95 5.60
N LYS A 27 2.89 5.66 5.41
CA LYS A 27 3.69 4.60 6.02
C LYS A 27 5.01 4.39 5.29
N ALA A 28 4.97 4.22 3.98
CA ALA A 28 6.18 4.03 3.18
C ALA A 28 6.21 4.97 1.99
N HIS A 29 6.60 6.22 2.27
CA HIS A 29 6.70 7.32 1.29
C HIS A 29 6.99 6.84 -0.14
N LEU A 30 5.96 6.31 -0.76
CA LEU A 30 6.04 5.81 -2.13
C LEU A 30 5.07 6.55 -3.05
N ILE A 31 5.04 6.13 -4.32
CA ILE A 31 4.18 6.75 -5.32
C ILE A 31 2.71 6.33 -5.16
N SER A 32 2.46 5.04 -4.94
CA SER A 32 1.09 4.55 -4.78
C SER A 32 0.99 3.23 -4.00
N GLY A 33 -0.20 2.96 -3.47
CA GLY A 33 -0.46 1.75 -2.71
C GLY A 33 -1.87 1.20 -2.96
N THR A 34 -1.95 -0.03 -3.47
CA THR A 34 -3.25 -0.63 -3.78
C THR A 34 -3.60 -1.76 -2.80
N CYS A 35 -4.89 -2.08 -2.71
CA CYS A 35 -5.37 -3.14 -1.83
C CYS A 35 -5.34 -4.51 -2.53
N HIS A 36 -4.97 -5.54 -1.79
CA HIS A 36 -4.91 -6.90 -2.34
C HIS A 36 -5.54 -7.91 -1.38
N ASN A 37 -6.67 -8.48 -1.81
CA ASN A 37 -7.41 -9.47 -1.01
C ASN A 37 -7.88 -8.87 0.32
N TRP A 38 -6.93 -8.70 1.25
CA TRP A 38 -7.23 -8.13 2.55
C TRP A 38 -6.07 -7.27 3.09
N LYS A 39 -5.06 -6.98 2.25
CA LYS A 39 -3.90 -6.19 2.71
C LYS A 39 -3.55 -5.05 1.75
N CYS A 40 -2.46 -4.33 2.07
CA CYS A 40 -2.01 -3.21 1.27
C CYS A 40 -0.59 -3.39 0.76
N PHE A 41 -0.43 -3.27 -0.55
CA PHE A 41 0.88 -3.37 -1.18
C PHE A 41 1.28 -2.00 -1.71
N CYS A 42 2.52 -1.63 -1.48
CA CYS A 42 3.02 -0.34 -1.92
C CYS A 42 3.97 -0.51 -3.10
N THR A 43 3.90 0.42 -4.06
CA THR A 43 4.74 0.36 -5.24
C THR A 43 5.84 1.41 -5.22
N GLN A 44 7.08 0.97 -5.43
CA GLN A 44 8.23 1.86 -5.44
C GLN A 44 9.04 1.70 -6.72
N ASN A 45 9.61 2.81 -7.19
CA ASN A 45 10.41 2.81 -8.40
C ASN A 45 11.73 2.06 -8.16
N CYS A 46 12.06 1.13 -9.06
CA CYS A 46 13.29 0.34 -8.94
C CYS A 46 13.73 -0.21 -10.30
N LYS A 1 10.57 -1.23 -14.66
CA LYS A 1 9.56 -1.96 -13.85
C LYS A 1 9.46 -1.36 -12.44
N THR A 2 8.75 -2.05 -11.53
CA THR A 2 8.60 -1.58 -10.15
C THR A 2 8.56 -2.74 -9.16
N CYS A 3 8.64 -2.41 -7.88
CA CYS A 3 8.62 -3.40 -6.81
C CYS A 3 7.42 -3.19 -5.89
N GLU A 4 6.67 -4.26 -5.64
CA GLU A 4 5.51 -4.20 -4.75
C GLU A 4 5.76 -5.01 -3.48
N HIS A 5 5.38 -4.44 -2.35
CA HIS A 5 5.57 -5.10 -1.07
C HIS A 5 4.46 -4.76 -0.08
N LEU A 6 4.09 -5.75 0.74
CA LEU A 6 3.05 -5.58 1.76
C LEU A 6 3.57 -4.78 2.95
N ALA A 7 2.79 -3.80 3.39
CA ALA A 7 3.17 -2.95 4.51
C ALA A 7 2.69 -3.54 5.84
N ASP A 8 3.62 -3.74 6.78
CA ASP A 8 3.29 -4.32 8.09
C ASP A 8 2.61 -3.32 9.03
N THR A 9 2.58 -2.03 8.65
CA THR A 9 1.94 -1.01 9.48
C THR A 9 0.64 -0.55 8.84
N TYR A 10 -0.26 -1.50 8.61
CA TYR A 10 -1.55 -1.25 7.98
C TYR A 10 -2.67 -1.35 9.03
N ARG A 11 -3.94 -1.28 8.60
CA ARG A 11 -5.07 -1.34 9.54
C ARG A 11 -5.79 -2.69 9.43
N GLY A 12 -5.04 -3.74 9.10
CA GLY A 12 -5.62 -5.06 8.95
C GLY A 12 -6.26 -5.27 7.60
N VAL A 13 -7.59 -5.18 7.56
CA VAL A 13 -8.35 -5.37 6.31
C VAL A 13 -8.57 -4.06 5.55
N CYS A 14 -8.87 -4.17 4.25
CA CYS A 14 -9.14 -2.99 3.41
C CYS A 14 -10.60 -2.93 2.95
N PHE A 15 -11.09 -1.71 2.73
CA PHE A 15 -12.46 -1.49 2.27
C PHE A 15 -12.50 -0.68 0.97
N THR A 16 -11.69 0.39 0.90
CA THR A 16 -11.64 1.24 -0.29
C THR A 16 -10.20 1.49 -0.73
N ASN A 17 -9.98 1.53 -2.05
CA ASN A 17 -8.64 1.76 -2.62
C ASN A 17 -7.86 2.83 -1.85
N ALA A 18 -8.53 3.94 -1.53
CA ALA A 18 -7.91 5.04 -0.79
C ALA A 18 -7.19 4.58 0.47
N SER A 19 -7.66 3.49 1.08
CA SER A 19 -7.04 2.97 2.30
C SER A 19 -5.54 2.75 2.11
N CYS A 20 -5.16 1.97 1.08
CA CYS A 20 -3.74 1.71 0.79
C CYS A 20 -3.01 2.96 0.32
N ASP A 21 -3.62 3.70 -0.62
CA ASP A 21 -3.00 4.93 -1.15
C ASP A 21 -2.43 5.79 -0.02
N ASP A 22 -3.33 6.42 0.75
CA ASP A 22 -2.95 7.25 1.89
C ASP A 22 -1.91 6.49 2.73
N HIS A 23 -2.30 5.29 3.12
CA HIS A 23 -1.47 4.40 3.91
C HIS A 23 -0.04 4.32 3.36
N CYS A 24 0.11 3.78 2.16
CA CYS A 24 1.42 3.65 1.54
C CYS A 24 2.18 4.98 1.52
N LYS A 25 1.52 6.05 1.08
CA LYS A 25 2.16 7.37 1.02
C LYS A 25 2.64 7.84 2.40
N ASN A 26 1.82 7.64 3.42
CA ASN A 26 2.15 8.08 4.78
C ASN A 26 3.06 7.10 5.54
N LYS A 27 2.84 5.80 5.38
CA LYS A 27 3.65 4.81 6.10
C LYS A 27 5.01 4.60 5.45
N ALA A 28 5.02 4.29 4.17
CA ALA A 28 6.25 4.08 3.43
C ALA A 28 6.32 4.99 2.22
N HIS A 29 6.75 6.23 2.49
CA HIS A 29 6.89 7.33 1.50
C HIS A 29 7.17 6.81 0.08
N LEU A 30 6.11 6.33 -0.54
CA LEU A 30 6.15 5.82 -1.91
C LEU A 30 5.18 6.58 -2.81
N ILE A 31 5.05 6.12 -4.06
CA ILE A 31 4.18 6.77 -5.04
C ILE A 31 2.70 6.38 -4.88
N SER A 32 2.41 5.08 -4.79
CA SER A 32 1.02 4.62 -4.67
C SER A 32 0.88 3.30 -3.89
N GLY A 33 -0.34 3.03 -3.44
CA GLY A 33 -0.63 1.80 -2.71
C GLY A 33 -2.03 1.29 -3.01
N THR A 34 -2.14 0.02 -3.40
CA THR A 34 -3.44 -0.57 -3.72
C THR A 34 -3.76 -1.75 -2.81
N CYS A 35 -5.06 -2.02 -2.64
CA CYS A 35 -5.51 -3.12 -1.79
C CYS A 35 -5.53 -4.44 -2.56
N HIS A 36 -5.03 -5.50 -1.92
CA HIS A 36 -5.01 -6.83 -2.52
C HIS A 36 -5.64 -7.86 -1.58
N ASN A 37 -6.77 -8.43 -2.01
CA ASN A 37 -7.50 -9.42 -1.22
C ASN A 37 -8.00 -8.80 0.09
N TRP A 38 -7.08 -8.59 1.03
CA TRP A 38 -7.42 -8.00 2.32
C TRP A 38 -6.26 -7.17 2.91
N LYS A 39 -5.17 -6.97 2.15
CA LYS A 39 -4.03 -6.21 2.65
C LYS A 39 -3.53 -5.15 1.65
N CYS A 40 -2.49 -4.40 2.03
CA CYS A 40 -1.95 -3.33 1.19
C CYS A 40 -0.54 -3.60 0.69
N PHE A 41 -0.37 -3.40 -0.61
CA PHE A 41 0.93 -3.53 -1.25
C PHE A 41 1.36 -2.16 -1.75
N CYS A 42 2.59 -1.77 -1.48
CA CYS A 42 3.08 -0.48 -1.91
C CYS A 42 4.06 -0.65 -3.08
N THR A 43 4.01 0.26 -4.04
CA THR A 43 4.86 0.19 -5.20
C THR A 43 5.96 1.25 -5.14
N GLN A 44 7.20 0.83 -5.33
CA GLN A 44 8.34 1.73 -5.29
C GLN A 44 9.17 1.60 -6.57
N ASN A 45 9.61 2.74 -7.10
CA ASN A 45 10.41 2.76 -8.31
C ASN A 45 11.71 1.98 -8.08
N CYS A 46 11.88 0.88 -8.82
CA CYS A 46 13.08 0.05 -8.68
C CYS A 46 13.56 -0.46 -10.04
N LYS A 1 10.98 -1.90 -15.17
CA LYS A 1 10.17 -2.78 -14.26
C LYS A 1 10.01 -2.14 -12.88
N THR A 2 8.89 -2.43 -12.22
CA THR A 2 8.63 -1.89 -10.88
C THR A 2 8.25 -3.01 -9.91
N CYS A 3 8.76 -2.92 -8.69
CA CYS A 3 8.48 -3.94 -7.67
C CYS A 3 7.65 -3.36 -6.53
N GLU A 4 6.61 -4.09 -6.13
CA GLU A 4 5.74 -3.64 -5.05
C GLU A 4 5.95 -4.50 -3.80
N HIS A 5 5.56 -3.95 -2.65
CA HIS A 5 5.70 -4.65 -1.38
C HIS A 5 4.57 -4.30 -0.42
N LEU A 6 4.14 -5.29 0.36
CA LEU A 6 3.07 -5.11 1.34
C LEU A 6 3.65 -4.54 2.64
N ALA A 7 2.99 -3.51 3.18
CA ALA A 7 3.46 -2.87 4.41
C ALA A 7 2.88 -3.52 5.66
N ASP A 8 3.77 -3.96 6.56
CA ASP A 8 3.35 -4.61 7.81
C ASP A 8 2.77 -3.62 8.83
N THR A 9 2.74 -2.33 8.49
CA THR A 9 2.18 -1.31 9.39
C THR A 9 0.84 -0.83 8.83
N TYR A 10 0.01 -1.80 8.48
CA TYR A 10 -1.30 -1.54 7.92
C TYR A 10 -2.38 -1.88 8.97
N ARG A 11 -3.65 -1.93 8.56
CA ARG A 11 -4.75 -2.20 9.47
C ARG A 11 -5.29 -3.61 9.24
N GLY A 12 -6.57 -3.82 9.50
CA GLY A 12 -7.17 -5.12 9.30
C GLY A 12 -7.54 -5.36 7.84
N VAL A 13 -8.83 -5.43 7.55
CA VAL A 13 -9.30 -5.65 6.18
C VAL A 13 -9.55 -4.35 5.42
N CYS A 14 -9.25 -4.34 4.12
CA CYS A 14 -9.47 -3.14 3.28
C CYS A 14 -10.80 -3.20 2.54
N PHE A 15 -11.36 -2.01 2.26
CA PHE A 15 -12.63 -1.92 1.52
C PHE A 15 -12.51 -0.96 0.34
N THR A 16 -11.90 0.21 0.56
CA THR A 16 -11.75 1.22 -0.50
C THR A 16 -10.27 1.48 -0.81
N ASN A 17 -9.94 1.55 -2.10
CA ASN A 17 -8.57 1.81 -2.56
C ASN A 17 -7.86 2.86 -1.67
N ALA A 18 -8.56 3.96 -1.38
CA ALA A 18 -8.04 5.03 -0.53
C ALA A 18 -7.32 4.50 0.72
N SER A 19 -7.79 3.35 1.23
CA SER A 19 -7.20 2.73 2.43
C SER A 19 -5.67 2.58 2.31
N CYS A 20 -5.21 2.16 1.13
CA CYS A 20 -3.78 1.96 0.89
C CYS A 20 -3.08 3.23 0.43
N ASP A 21 -3.71 3.96 -0.51
CA ASP A 21 -3.15 5.22 -1.03
C ASP A 21 -2.59 6.06 0.11
N ASP A 22 -3.48 6.54 0.98
CA ASP A 22 -3.09 7.34 2.13
C ASP A 22 -2.01 6.60 2.92
N HIS A 23 -2.39 5.40 3.35
CA HIS A 23 -1.52 4.51 4.09
C HIS A 23 -0.12 4.46 3.52
N CYS A 24 0.02 3.95 2.30
CA CYS A 24 1.33 3.87 1.65
C CYS A 24 2.08 5.20 1.70
N LYS A 25 1.45 6.28 1.23
CA LYS A 25 2.08 7.60 1.22
C LYS A 25 2.50 8.08 2.62
N ASN A 26 1.64 7.88 3.60
CA ASN A 26 1.93 8.31 4.97
C ASN A 26 2.82 7.32 5.75
N LYS A 27 2.68 6.03 5.48
CA LYS A 27 3.49 5.02 6.19
C LYS A 27 4.83 4.77 5.51
N ALA A 28 4.81 4.56 4.21
CA ALA A 28 6.03 4.32 3.44
C ALA A 28 6.13 5.31 2.29
N HIS A 29 6.61 6.52 2.62
CA HIS A 29 6.80 7.65 1.68
C HIS A 29 7.08 7.22 0.24
N LEU A 30 6.05 6.71 -0.40
CA LEU A 30 6.12 6.26 -1.80
C LEU A 30 5.08 6.98 -2.66
N ILE A 31 5.02 6.63 -3.95
CA ILE A 31 4.11 7.26 -4.89
C ILE A 31 2.64 6.87 -4.66
N SER A 32 2.33 5.57 -4.57
CA SER A 32 0.93 5.13 -4.36
C SER A 32 0.84 3.77 -3.64
N GLY A 33 -0.39 3.38 -3.28
CA GLY A 33 -0.63 2.12 -2.60
C GLY A 33 -1.98 1.52 -2.94
N THR A 34 -2.03 0.20 -3.19
CA THR A 34 -3.29 -0.47 -3.53
C THR A 34 -3.60 -1.63 -2.58
N CYS A 35 -4.91 -1.91 -2.40
CA CYS A 35 -5.35 -2.99 -1.53
C CYS A 35 -5.34 -4.33 -2.24
N HIS A 36 -4.85 -5.35 -1.55
CA HIS A 36 -4.82 -6.72 -2.07
C HIS A 36 -5.38 -7.69 -1.05
N ASN A 37 -6.28 -8.57 -1.50
CA ASN A 37 -6.94 -9.58 -0.65
C ASN A 37 -7.46 -8.98 0.67
N TRP A 38 -6.57 -8.76 1.62
CA TRP A 38 -6.94 -8.16 2.91
C TRP A 38 -5.77 -7.32 3.44
N LYS A 39 -4.97 -6.74 2.54
CA LYS A 39 -3.79 -5.95 2.96
C LYS A 39 -3.47 -4.81 1.98
N CYS A 40 -2.38 -4.09 2.27
CA CYS A 40 -1.94 -2.98 1.43
C CYS A 40 -0.53 -3.19 0.88
N PHE A 41 -0.39 -3.00 -0.42
CA PHE A 41 0.90 -3.12 -1.08
C PHE A 41 1.27 -1.78 -1.70
N CYS A 42 2.53 -1.40 -1.57
CA CYS A 42 2.99 -0.13 -2.11
C CYS A 42 3.84 -0.36 -3.35
N THR A 43 3.99 0.67 -4.18
CA THR A 43 4.75 0.56 -5.41
C THR A 43 6.07 1.31 -5.30
N GLN A 44 7.17 0.62 -5.56
CA GLN A 44 8.49 1.24 -5.48
C GLN A 44 9.34 0.95 -6.70
N ASN A 45 10.02 1.98 -7.20
CA ASN A 45 10.88 1.85 -8.37
C ASN A 45 12.16 1.09 -8.02
N CYS A 46 12.50 0.07 -8.81
CA CYS A 46 13.69 -0.73 -8.57
C CYS A 46 14.28 -1.27 -9.88
N LYS A 1 10.27 -2.59 -15.00
CA LYS A 1 9.28 -3.13 -14.02
C LYS A 1 9.36 -2.38 -12.69
N THR A 2 8.52 -2.77 -11.72
CA THR A 2 8.51 -2.14 -10.40
C THR A 2 8.38 -3.18 -9.30
N CYS A 3 8.67 -2.78 -8.06
CA CYS A 3 8.60 -3.70 -6.93
C CYS A 3 7.51 -3.29 -5.93
N GLU A 4 6.69 -4.25 -5.53
CA GLU A 4 5.61 -4.02 -4.58
C GLU A 4 5.80 -4.86 -3.31
N HIS A 5 5.54 -4.25 -2.16
CA HIS A 5 5.66 -4.94 -0.88
C HIS A 5 4.59 -4.48 0.11
N LEU A 6 4.21 -5.38 1.01
CA LEU A 6 3.21 -5.10 2.03
C LEU A 6 3.88 -4.46 3.26
N ALA A 7 3.30 -3.36 3.74
CA ALA A 7 3.85 -2.66 4.89
C ALA A 7 3.35 -3.26 6.21
N ASP A 8 4.28 -3.76 7.02
CA ASP A 8 3.96 -4.38 8.31
C ASP A 8 3.67 -3.32 9.38
N THR A 9 2.68 -2.49 9.11
CA THR A 9 2.25 -1.42 10.02
C THR A 9 0.73 -1.22 9.94
N TYR A 10 0.20 -1.22 8.71
CA TYR A 10 -1.24 -1.09 8.48
C TYR A 10 -1.75 -2.33 7.75
N ARG A 11 -2.53 -3.15 8.47
CA ARG A 11 -3.06 -4.38 7.88
C ARG A 11 -4.43 -4.76 8.45
N GLY A 12 -5.46 -4.65 7.61
CA GLY A 12 -6.82 -4.98 8.02
C GLY A 12 -7.74 -5.24 6.83
N VAL A 13 -9.03 -4.99 7.01
CA VAL A 13 -10.01 -5.19 5.94
C VAL A 13 -10.17 -3.91 5.12
N CYS A 14 -9.69 -3.94 3.87
CA CYS A 14 -9.81 -2.75 3.00
C CYS A 14 -11.04 -2.83 2.10
N PHE A 15 -11.72 -1.68 1.95
CA PHE A 15 -12.90 -1.58 1.10
C PHE A 15 -12.67 -0.63 -0.07
N THR A 16 -12.04 0.51 0.21
CA THR A 16 -11.76 1.52 -0.82
C THR A 16 -10.26 1.67 -1.05
N ASN A 17 -9.89 1.96 -2.30
CA ASN A 17 -8.48 2.12 -2.68
C ASN A 17 -7.74 3.10 -1.76
N ALA A 18 -8.46 4.12 -1.27
CA ALA A 18 -7.88 5.13 -0.38
C ALA A 18 -7.26 4.54 0.90
N SER A 19 -7.75 3.36 1.33
CA SER A 19 -7.25 2.70 2.54
C SER A 19 -5.73 2.53 2.53
N CYS A 20 -5.21 1.91 1.46
CA CYS A 20 -3.77 1.68 1.32
C CYS A 20 -3.03 2.93 0.89
N ASP A 21 -3.64 3.68 -0.03
CA ASP A 21 -3.04 4.91 -0.53
C ASP A 21 -2.56 5.75 0.64
N ASP A 22 -3.50 6.12 1.52
CA ASP A 22 -3.18 6.89 2.72
C ASP A 22 -2.04 6.20 3.47
N HIS A 23 -2.20 4.89 3.68
CA HIS A 23 -1.20 4.07 4.34
C HIS A 23 0.16 4.25 3.68
N CYS A 24 0.25 3.90 2.40
CA CYS A 24 1.49 4.04 1.65
C CYS A 24 2.01 5.48 1.70
N LYS A 25 1.10 6.45 1.60
CA LYS A 25 1.48 7.85 1.64
C LYS A 25 2.04 8.26 3.02
N ASN A 26 1.40 7.77 4.08
CA ASN A 26 1.82 8.08 5.45
C ASN A 26 2.85 7.09 6.03
N LYS A 27 2.83 5.84 5.56
CA LYS A 27 3.76 4.81 6.05
C LYS A 27 5.11 4.94 5.36
N ALA A 28 5.10 4.90 4.03
CA ALA A 28 6.30 5.02 3.23
C ALA A 28 6.03 5.87 1.99
N HIS A 29 6.23 7.18 2.15
CA HIS A 29 6.01 8.20 1.11
C HIS A 29 6.43 7.76 -0.30
N LEU A 30 5.68 6.83 -0.85
CA LEU A 30 5.91 6.31 -2.19
C LEU A 30 4.91 6.90 -3.19
N ILE A 31 4.94 6.40 -4.43
CA ILE A 31 4.06 6.91 -5.49
C ILE A 31 2.58 6.59 -5.26
N SER A 32 2.25 5.34 -4.93
CA SER A 32 0.85 4.96 -4.71
C SER A 32 0.72 3.65 -3.93
N GLY A 33 -0.47 3.43 -3.35
CA GLY A 33 -0.72 2.21 -2.58
C GLY A 33 -2.12 1.65 -2.81
N THR A 34 -2.21 0.40 -3.29
CA THR A 34 -3.50 -0.24 -3.55
C THR A 34 -3.79 -1.37 -2.56
N CYS A 35 -5.04 -1.82 -2.55
CA CYS A 35 -5.47 -2.90 -1.65
C CYS A 35 -5.53 -4.24 -2.37
N HIS A 36 -4.78 -5.20 -1.87
CA HIS A 36 -4.79 -6.56 -2.42
C HIS A 36 -5.75 -7.42 -1.60
N ASN A 37 -5.54 -8.74 -1.57
CA ASN A 37 -6.40 -9.65 -0.81
C ASN A 37 -6.43 -9.26 0.68
N TRP A 38 -7.21 -8.22 0.98
CA TRP A 38 -7.37 -7.68 2.34
C TRP A 38 -6.02 -7.33 2.98
N LYS A 39 -5.18 -6.59 2.24
CA LYS A 39 -3.87 -6.15 2.73
C LYS A 39 -3.31 -5.00 1.89
N CYS A 40 -2.37 -4.24 2.45
CA CYS A 40 -1.81 -3.08 1.74
C CYS A 40 -0.38 -3.26 1.27
N PHE A 41 -0.20 -3.05 -0.03
CA PHE A 41 1.11 -3.10 -0.67
C PHE A 41 1.41 -1.74 -1.28
N CYS A 42 2.68 -1.36 -1.27
CA CYS A 42 3.08 -0.08 -1.84
C CYS A 42 3.87 -0.30 -3.13
N THR A 43 3.90 0.73 -3.98
CA THR A 43 4.60 0.64 -5.27
C THR A 43 5.89 1.47 -5.28
N GLN A 44 6.98 0.83 -5.69
CA GLN A 44 8.28 1.50 -5.75
C GLN A 44 9.04 1.15 -7.03
N ASN A 45 9.90 2.07 -7.48
CA ASN A 45 10.70 1.87 -8.69
C ASN A 45 11.92 1.00 -8.39
N CYS A 46 12.16 0.00 -9.23
CA CYS A 46 13.29 -0.91 -9.05
C CYS A 46 13.76 -1.48 -10.39
N LYS A 1 7.97 -2.46 -14.43
CA LYS A 1 9.36 -2.07 -14.04
C LYS A 1 9.39 -1.37 -12.68
N THR A 2 8.76 -1.98 -11.67
CA THR A 2 8.73 -1.43 -10.32
C THR A 2 8.71 -2.53 -9.27
N CYS A 3 8.88 -2.13 -8.00
CA CYS A 3 8.88 -3.09 -6.89
C CYS A 3 7.68 -2.88 -5.97
N GLU A 4 7.04 -3.98 -5.60
CA GLU A 4 5.88 -3.94 -4.71
C GLU A 4 6.21 -4.54 -3.34
N HIS A 5 5.75 -3.87 -2.29
CA HIS A 5 6.00 -4.33 -0.93
C HIS A 5 4.77 -4.17 -0.04
N LEU A 6 4.44 -5.23 0.69
CA LEU A 6 3.30 -5.23 1.61
C LEU A 6 3.69 -4.60 2.95
N ALA A 7 2.95 -3.56 3.34
CA ALA A 7 3.20 -2.87 4.60
C ALA A 7 2.55 -3.60 5.79
N ASP A 8 3.34 -3.90 6.81
CA ASP A 8 2.85 -4.60 7.99
C ASP A 8 2.19 -3.64 8.99
N THR A 9 2.27 -2.33 8.72
CA THR A 9 1.66 -1.33 9.61
C THR A 9 0.42 -0.73 8.95
N TYR A 10 -0.54 -1.60 8.66
CA TYR A 10 -1.81 -1.21 8.03
C TYR A 10 -2.95 -1.26 9.06
N ARG A 11 -4.20 -1.20 8.62
CA ARG A 11 -5.35 -1.22 9.52
C ARG A 11 -6.08 -2.56 9.45
N GLY A 12 -5.33 -3.61 9.11
CA GLY A 12 -5.93 -4.95 9.01
C GLY A 12 -6.71 -5.15 7.73
N VAL A 13 -8.02 -4.95 7.80
CA VAL A 13 -8.90 -5.11 6.63
C VAL A 13 -9.02 -3.82 5.81
N CYS A 14 -9.19 -3.98 4.49
CA CYS A 14 -9.35 -2.84 3.59
C CYS A 14 -10.77 -2.73 3.04
N PHE A 15 -11.20 -1.50 2.75
CA PHE A 15 -12.55 -1.25 2.21
C PHE A 15 -12.47 -0.59 0.82
N THR A 16 -11.56 0.39 0.67
CA THR A 16 -11.40 1.10 -0.60
C THR A 16 -9.93 1.32 -0.93
N ASN A 17 -9.61 1.47 -2.22
CA ASN A 17 -8.24 1.68 -2.68
C ASN A 17 -7.57 2.86 -1.96
N ALA A 18 -8.35 3.90 -1.65
CA ALA A 18 -7.82 5.09 -0.97
C ALA A 18 -7.07 4.72 0.32
N SER A 19 -7.55 3.67 1.00
CA SER A 19 -6.94 3.21 2.25
C SER A 19 -5.44 2.95 2.08
N CYS A 20 -5.09 2.03 1.18
CA CYS A 20 -3.68 1.68 0.92
C CYS A 20 -2.89 2.87 0.41
N ASP A 21 -3.49 3.68 -0.45
CA ASP A 21 -2.82 4.86 -1.00
C ASP A 21 -2.26 5.73 0.13
N ASP A 22 -3.16 6.37 0.89
CA ASP A 22 -2.78 7.20 2.05
C ASP A 22 -1.76 6.45 2.88
N HIS A 23 -2.18 5.26 3.30
CA HIS A 23 -1.37 4.35 4.07
C HIS A 23 0.05 4.27 3.50
N CYS A 24 0.16 3.84 2.24
CA CYS A 24 1.46 3.74 1.58
C CYS A 24 2.23 5.06 1.62
N LYS A 25 1.59 6.14 1.17
CA LYS A 25 2.24 7.46 1.17
C LYS A 25 2.73 7.87 2.57
N ASN A 26 1.88 7.65 3.57
CA ASN A 26 2.20 8.02 4.94
C ASN A 26 3.09 7.00 5.67
N LYS A 27 2.90 5.70 5.41
CA LYS A 27 3.70 4.66 6.07
C LYS A 27 5.03 4.40 5.37
N ALA A 28 4.98 4.16 4.07
CA ALA A 28 6.19 3.89 3.28
C ALA A 28 6.26 4.85 2.10
N HIS A 29 6.77 6.05 2.39
CA HIS A 29 6.93 7.17 1.43
C HIS A 29 7.14 6.70 -0.01
N LEU A 30 6.06 6.24 -0.60
CA LEU A 30 6.04 5.75 -1.99
C LEU A 30 5.01 6.52 -2.82
N ILE A 31 4.88 6.12 -4.08
CA ILE A 31 3.96 6.77 -5.00
C ILE A 31 2.50 6.37 -4.73
N SER A 32 2.20 5.06 -4.67
CA SER A 32 0.83 4.60 -4.43
C SER A 32 0.77 3.24 -3.73
N GLY A 33 -0.46 2.77 -3.49
CA GLY A 33 -0.69 1.49 -2.83
C GLY A 33 -2.01 0.85 -3.24
N THR A 34 -2.09 -0.48 -3.18
CA THR A 34 -3.31 -1.20 -3.57
C THR A 34 -3.77 -2.21 -2.52
N CYS A 35 -5.09 -2.48 -2.50
CA CYS A 35 -5.67 -3.45 -1.56
C CYS A 35 -5.81 -4.83 -2.19
N HIS A 36 -4.74 -5.63 -2.09
CA HIS A 36 -4.75 -6.99 -2.63
C HIS A 36 -5.32 -7.97 -1.61
N ASN A 37 -6.41 -8.64 -2.00
CA ASN A 37 -7.08 -9.61 -1.14
C ASN A 37 -7.71 -8.87 0.06
N TRP A 38 -6.88 -8.55 1.04
CA TRP A 38 -7.31 -7.80 2.23
C TRP A 38 -6.11 -7.10 2.90
N LYS A 39 -5.09 -6.79 2.11
CA LYS A 39 -3.88 -6.14 2.64
C LYS A 39 -3.49 -4.92 1.79
N CYS A 40 -2.33 -4.32 2.07
CA CYS A 40 -1.86 -3.16 1.32
C CYS A 40 -0.47 -3.34 0.77
N PHE A 41 -0.35 -3.28 -0.55
CA PHE A 41 0.93 -3.38 -1.21
C PHE A 41 1.30 -2.02 -1.79
N CYS A 42 2.54 -1.62 -1.54
CA CYS A 42 3.01 -0.32 -2.01
C CYS A 42 3.99 -0.51 -3.17
N THR A 43 3.94 0.39 -4.14
CA THR A 43 4.79 0.31 -5.32
C THR A 43 5.88 1.39 -5.29
N GLN A 44 7.13 0.95 -5.44
CA GLN A 44 8.27 1.86 -5.46
C GLN A 44 9.07 1.71 -6.75
N ASN A 45 9.69 2.80 -7.20
CA ASN A 45 10.49 2.80 -8.41
C ASN A 45 11.80 2.03 -8.19
N CYS A 46 12.10 1.09 -9.07
CA CYS A 46 13.32 0.28 -8.95
C CYS A 46 13.77 -0.25 -10.32
N LYS A 1 10.50 -1.90 -15.19
CA LYS A 1 9.51 -2.52 -14.26
C LYS A 1 9.57 -1.87 -12.88
N THR A 2 8.51 -2.06 -12.08
CA THR A 2 8.46 -1.49 -10.73
C THR A 2 8.37 -2.61 -9.69
N CYS A 3 8.68 -2.28 -8.44
CA CYS A 3 8.63 -3.27 -7.37
C CYS A 3 7.56 -2.92 -6.33
N GLU A 4 6.69 -3.89 -6.03
CA GLU A 4 5.63 -3.69 -5.05
C GLU A 4 5.89 -4.54 -3.80
N HIS A 5 5.55 -3.98 -2.65
CA HIS A 5 5.72 -4.67 -1.37
C HIS A 5 4.55 -4.38 -0.43
N LEU A 6 4.17 -5.38 0.36
CA LEU A 6 3.07 -5.25 1.30
C LEU A 6 3.58 -4.74 2.65
N ALA A 7 2.90 -3.75 3.19
CA ALA A 7 3.29 -3.15 4.47
C ALA A 7 2.72 -3.91 5.67
N ASP A 8 3.63 -4.46 6.49
CA ASP A 8 3.25 -5.22 7.69
C ASP A 8 2.67 -4.32 8.79
N THR A 9 2.75 -3.00 8.61
CA THR A 9 2.22 -2.06 9.58
C THR A 9 0.96 -1.39 9.04
N TYR A 10 -0.03 -2.21 8.72
CA TYR A 10 -1.30 -1.73 8.19
C TYR A 10 -2.39 -1.82 9.26
N ARG A 11 -3.39 -0.95 9.13
CA ARG A 11 -4.49 -0.88 10.09
C ARG A 11 -5.81 -1.39 9.51
N GLY A 12 -6.39 -2.38 10.19
CA GLY A 12 -7.66 -2.95 9.77
C GLY A 12 -7.62 -3.56 8.37
N VAL A 13 -8.77 -4.01 7.90
CA VAL A 13 -8.87 -4.60 6.57
C VAL A 13 -9.21 -3.52 5.55
N CYS A 14 -8.70 -3.66 4.32
CA CYS A 14 -8.96 -2.65 3.28
C CYS A 14 -10.35 -2.81 2.65
N PHE A 15 -10.99 -1.69 2.37
CA PHE A 15 -12.31 -1.67 1.73
C PHE A 15 -12.22 -0.99 0.37
N THR A 16 -11.66 0.22 0.35
CA THR A 16 -11.51 1.00 -0.89
C THR A 16 -10.03 1.32 -1.16
N ASN A 17 -9.66 1.36 -2.44
CA ASN A 17 -8.28 1.64 -2.85
C ASN A 17 -7.63 2.77 -2.02
N ALA A 18 -8.40 3.81 -1.72
CA ALA A 18 -7.90 4.95 -0.92
C ALA A 18 -7.33 4.50 0.44
N SER A 19 -7.77 3.34 0.93
CA SER A 19 -7.32 2.82 2.23
C SER A 19 -5.82 2.54 2.23
N CYS A 20 -5.32 1.88 1.17
CA CYS A 20 -3.89 1.57 1.07
C CYS A 20 -3.08 2.79 0.63
N ASP A 21 -3.64 3.55 -0.32
CA ASP A 21 -2.96 4.75 -0.84
C ASP A 21 -2.43 5.61 0.32
N ASP A 22 -3.35 6.22 1.08
CA ASP A 22 -2.99 7.05 2.25
C ASP A 22 -1.95 6.31 3.08
N HIS A 23 -2.35 5.13 3.53
CA HIS A 23 -1.51 4.24 4.32
C HIS A 23 -0.11 4.19 3.75
N CYS A 24 0.03 3.73 2.52
CA CYS A 24 1.33 3.65 1.86
C CYS A 24 2.05 5.00 1.89
N LYS A 25 1.41 6.04 1.34
CA LYS A 25 2.00 7.38 1.31
C LYS A 25 2.47 7.84 2.69
N ASN A 26 1.61 7.70 3.70
CA ASN A 26 1.91 8.12 5.06
C ASN A 26 2.79 7.13 5.84
N LYS A 27 2.66 5.83 5.56
CA LYS A 27 3.45 4.82 6.26
C LYS A 27 4.82 4.61 5.63
N ALA A 28 4.85 4.43 4.32
CA ALA A 28 6.11 4.24 3.60
C ALA A 28 6.19 5.20 2.42
N HIS A 29 6.62 6.42 2.73
CA HIS A 29 6.76 7.56 1.79
C HIS A 29 7.04 7.13 0.33
N LEU A 30 6.01 6.58 -0.29
CA LEU A 30 6.06 6.14 -1.68
C LEU A 30 4.96 6.81 -2.50
N ILE A 31 4.88 6.46 -3.79
CA ILE A 31 3.89 7.06 -4.68
C ILE A 31 2.46 6.55 -4.47
N SER A 32 2.26 5.23 -4.45
CA SER A 32 0.91 4.68 -4.28
C SER A 32 0.90 3.35 -3.52
N GLY A 33 -0.31 2.83 -3.29
CA GLY A 33 -0.50 1.58 -2.59
C GLY A 33 -1.88 0.99 -2.80
N THR A 34 -1.96 -0.14 -3.49
CA THR A 34 -3.25 -0.79 -3.77
C THR A 34 -3.54 -1.92 -2.78
N CYS A 35 -4.81 -2.35 -2.74
CA CYS A 35 -5.23 -3.42 -1.84
C CYS A 35 -5.27 -4.77 -2.55
N HIS A 36 -4.47 -5.73 -2.05
CA HIS A 36 -4.42 -7.08 -2.60
C HIS A 36 -4.78 -8.09 -1.51
N ASN A 37 -5.71 -8.99 -1.80
CA ASN A 37 -6.13 -9.99 -0.81
C ASN A 37 -6.54 -9.32 0.51
N TRP A 38 -7.14 -8.13 0.40
CA TRP A 38 -7.57 -7.34 1.56
C TRP A 38 -6.37 -6.74 2.32
N LYS A 39 -5.16 -6.83 1.74
CA LYS A 39 -3.95 -6.28 2.36
C LYS A 39 -3.46 -5.05 1.60
N CYS A 40 -2.40 -4.40 2.11
CA CYS A 40 -1.86 -3.20 1.46
C CYS A 40 -0.46 -3.39 0.90
N PHE A 41 -0.35 -3.11 -0.40
CA PHE A 41 0.92 -3.19 -1.10
C PHE A 41 1.28 -1.80 -1.60
N CYS A 42 2.55 -1.45 -1.52
CA CYS A 42 2.98 -0.13 -1.97
C CYS A 42 3.77 -0.29 -3.28
N THR A 43 3.84 0.79 -4.07
CA THR A 43 4.53 0.74 -5.36
C THR A 43 5.85 1.51 -5.30
N GLN A 44 6.94 0.81 -5.63
CA GLN A 44 8.27 1.41 -5.61
C GLN A 44 9.02 1.16 -6.92
N ASN A 45 9.76 2.16 -7.38
CA ASN A 45 10.54 2.07 -8.61
C ASN A 45 11.80 1.22 -8.40
N CYS A 46 12.15 0.40 -9.40
CA CYS A 46 13.33 -0.46 -9.31
C CYS A 46 13.84 -0.87 -10.70
N LYS A 1 6.97 -2.55 -14.41
CA LYS A 1 8.43 -2.44 -14.11
C LYS A 1 8.66 -1.84 -12.72
N THR A 2 7.94 -2.33 -11.73
CA THR A 2 8.07 -1.85 -10.35
C THR A 2 7.88 -2.99 -9.35
N CYS A 3 8.24 -2.75 -8.10
CA CYS A 3 8.11 -3.78 -7.07
C CYS A 3 7.05 -3.39 -6.04
N GLU A 4 6.27 -4.38 -5.59
CA GLU A 4 5.23 -4.16 -4.59
C GLU A 4 5.54 -4.89 -3.29
N HIS A 5 5.32 -4.22 -2.17
CA HIS A 5 5.58 -4.81 -0.86
C HIS A 5 4.49 -4.46 0.15
N LEU A 6 4.19 -5.42 1.04
CA LEU A 6 3.17 -5.23 2.08
C LEU A 6 3.82 -4.68 3.35
N ALA A 7 3.32 -3.53 3.82
CA ALA A 7 3.86 -2.90 5.03
C ALA A 7 3.33 -3.55 6.31
N ASP A 8 4.24 -3.79 7.24
CA ASP A 8 3.88 -4.41 8.53
C ASP A 8 3.46 -3.38 9.60
N THR A 9 3.03 -2.20 9.15
CA THR A 9 2.60 -1.13 10.07
C THR A 9 1.08 -0.92 10.01
N TYR A 10 0.49 -1.17 8.84
CA TYR A 10 -0.97 -1.03 8.65
C TYR A 10 -1.52 -2.20 7.87
N ARG A 11 -2.36 -3.01 8.51
CA ARG A 11 -2.94 -4.17 7.85
C ARG A 11 -4.34 -4.52 8.40
N GLY A 12 -5.36 -4.27 7.59
CA GLY A 12 -6.73 -4.57 8.00
C GLY A 12 -7.63 -4.91 6.82
N VAL A 13 -8.95 -4.79 7.02
CA VAL A 13 -9.91 -5.08 5.96
C VAL A 13 -10.04 -3.86 5.04
N CYS A 14 -9.67 -4.01 3.77
CA CYS A 14 -9.77 -2.89 2.83
C CYS A 14 -11.12 -2.85 2.12
N PHE A 15 -11.60 -1.64 1.86
CA PHE A 15 -12.88 -1.43 1.19
C PHE A 15 -12.70 -0.63 -0.10
N THR A 16 -11.87 0.42 -0.04
CA THR A 16 -11.61 1.28 -1.19
C THR A 16 -10.11 1.49 -1.38
N ASN A 17 -9.69 1.64 -2.64
CA ASN A 17 -8.28 1.85 -2.99
C ASN A 17 -7.62 2.94 -2.13
N ALA A 18 -8.39 3.99 -1.80
CA ALA A 18 -7.88 5.11 -0.99
C ALA A 18 -7.34 4.66 0.38
N SER A 19 -7.75 3.48 0.85
CA SER A 19 -7.32 2.95 2.14
C SER A 19 -5.81 2.71 2.19
N CYS A 20 -5.26 2.04 1.18
CA CYS A 20 -3.83 1.74 1.12
C CYS A 20 -3.05 2.94 0.61
N ASP A 21 -3.62 3.65 -0.35
CA ASP A 21 -2.98 4.83 -0.92
C ASP A 21 -2.50 5.72 0.23
N ASP A 22 -3.47 6.11 1.06
CA ASP A 22 -3.19 6.92 2.25
C ASP A 22 -2.08 6.25 3.05
N HIS A 23 -2.28 4.96 3.33
CA HIS A 23 -1.30 4.15 4.05
C HIS A 23 0.10 4.34 3.49
N CYS A 24 0.25 4.07 2.21
CA CYS A 24 1.54 4.21 1.53
C CYS A 24 2.12 5.62 1.64
N LYS A 25 1.28 6.64 1.60
CA LYS A 25 1.75 8.02 1.69
C LYS A 25 2.09 8.43 3.13
N ASN A 26 1.33 7.90 4.09
CA ASN A 26 1.54 8.24 5.51
C ASN A 26 2.54 7.31 6.22
N LYS A 27 2.60 6.04 5.83
CA LYS A 27 3.51 5.09 6.48
C LYS A 27 4.87 5.02 5.80
N ALA A 28 4.88 4.69 4.50
CA ALA A 28 6.11 4.57 3.74
C ALA A 28 6.09 5.46 2.50
N HIS A 29 6.44 6.72 2.72
CA HIS A 29 6.50 7.79 1.70
C HIS A 29 6.86 7.31 0.29
N LEU A 30 5.93 6.59 -0.32
CA LEU A 30 6.10 6.06 -1.68
C LEU A 30 5.16 6.78 -2.66
N ILE A 31 5.16 6.33 -3.92
CA ILE A 31 4.33 6.94 -4.95
C ILE A 31 2.83 6.60 -4.81
N SER A 32 2.49 5.32 -4.70
CA SER A 32 1.08 4.93 -4.58
C SER A 32 0.90 3.61 -3.82
N GLY A 33 -0.35 3.34 -3.41
CA GLY A 33 -0.66 2.12 -2.68
C GLY A 33 -2.02 1.56 -3.02
N THR A 34 -2.07 0.27 -3.37
CA THR A 34 -3.33 -0.38 -3.71
C THR A 34 -3.64 -1.54 -2.76
N CYS A 35 -4.90 -1.98 -2.73
CA CYS A 35 -5.33 -3.07 -1.83
C CYS A 35 -5.21 -4.45 -2.49
N HIS A 36 -4.52 -5.36 -1.81
CA HIS A 36 -4.37 -6.73 -2.29
C HIS A 36 -4.86 -7.69 -1.22
N ASN A 37 -5.76 -8.61 -1.60
CA ASN A 37 -6.32 -9.61 -0.67
C ASN A 37 -6.30 -9.17 0.81
N TRP A 38 -7.10 -8.14 1.12
CA TRP A 38 -7.22 -7.61 2.48
C TRP A 38 -5.87 -7.10 3.05
N LYS A 39 -4.95 -6.71 2.17
CA LYS A 39 -3.64 -6.21 2.61
C LYS A 39 -3.24 -4.96 1.80
N CYS A 40 -2.40 -4.11 2.38
CA CYS A 40 -1.96 -2.89 1.70
C CYS A 40 -0.50 -2.96 1.25
N PHE A 41 -0.30 -2.99 -0.07
CA PHE A 41 1.03 -3.01 -0.65
C PHE A 41 1.34 -1.67 -1.29
N CYS A 42 2.60 -1.28 -1.30
CA CYS A 42 3.00 -0.02 -1.88
C CYS A 42 3.79 -0.24 -3.17
N THR A 43 3.90 0.81 -3.99
CA THR A 43 4.62 0.74 -5.25
C THR A 43 5.94 1.50 -5.18
N GLN A 44 7.03 0.82 -5.55
CA GLN A 44 8.35 1.42 -5.53
C GLN A 44 9.13 1.10 -6.82
N ASN A 45 10.03 2.00 -7.20
CA ASN A 45 10.84 1.84 -8.40
C ASN A 45 11.95 0.81 -8.18
N CYS A 46 12.08 -0.12 -9.11
CA CYS A 46 13.10 -1.17 -9.04
C CYS A 46 13.48 -1.68 -10.43
N LYS A 1 12.70 -0.67 -13.88
CA LYS A 1 11.29 -1.10 -13.66
C LYS A 1 10.82 -0.73 -12.25
N THR A 2 9.61 -1.12 -11.89
CA THR A 2 9.06 -0.83 -10.57
C THR A 2 8.61 -2.11 -9.88
N CYS A 3 8.85 -2.19 -8.57
CA CYS A 3 8.47 -3.36 -7.80
C CYS A 3 7.41 -3.04 -6.76
N GLU A 4 6.49 -3.98 -6.55
CA GLU A 4 5.42 -3.82 -5.57
C GLU A 4 5.67 -4.70 -4.36
N HIS A 5 5.35 -4.19 -3.17
CA HIS A 5 5.56 -4.93 -1.93
C HIS A 5 4.44 -4.68 -0.93
N LEU A 6 4.18 -5.68 -0.09
CA LEU A 6 3.15 -5.58 0.94
C LEU A 6 3.70 -4.90 2.19
N ALA A 7 2.97 -3.90 2.69
CA ALA A 7 3.40 -3.16 3.88
C ALA A 7 2.87 -3.80 5.17
N ASP A 8 3.80 -4.13 6.07
CA ASP A 8 3.47 -4.76 7.36
C ASP A 8 2.94 -3.75 8.39
N THR A 9 2.94 -2.45 8.05
CA THR A 9 2.45 -1.41 8.96
C THR A 9 1.12 -0.86 8.45
N TYR A 10 0.18 -1.77 8.23
CA TYR A 10 -1.14 -1.40 7.72
C TYR A 10 -2.20 -1.51 8.84
N ARG A 11 -3.48 -1.53 8.47
CA ARG A 11 -4.58 -1.58 9.43
C ARG A 11 -5.24 -2.97 9.42
N GLY A 12 -6.54 -3.01 9.71
CA GLY A 12 -7.27 -4.27 9.71
C GLY A 12 -7.90 -4.61 8.36
N VAL A 13 -9.20 -4.38 8.24
CA VAL A 13 -9.94 -4.67 7.00
C VAL A 13 -9.93 -3.46 6.06
N CYS A 14 -9.82 -3.72 4.75
CA CYS A 14 -9.82 -2.64 3.75
C CYS A 14 -11.18 -2.53 3.04
N PHE A 15 -11.52 -1.32 2.63
CA PHE A 15 -12.78 -1.07 1.94
C PHE A 15 -12.57 -0.38 0.59
N THR A 16 -11.79 0.70 0.58
CA THR A 16 -11.55 1.46 -0.64
C THR A 16 -10.05 1.59 -0.94
N ASN A 17 -9.71 1.55 -2.25
CA ASN A 17 -8.32 1.67 -2.72
C ASN A 17 -7.55 2.76 -1.95
N ALA A 18 -8.24 3.82 -1.55
CA ALA A 18 -7.63 4.94 -0.80
C ALA A 18 -6.93 4.49 0.49
N SER A 19 -7.39 3.38 1.08
CA SER A 19 -6.80 2.87 2.33
C SER A 19 -5.29 2.63 2.20
N CYS A 20 -4.89 1.87 1.17
CA CYS A 20 -3.47 1.56 0.94
C CYS A 20 -2.68 2.78 0.47
N ASP A 21 -3.28 3.54 -0.44
CA ASP A 21 -2.64 4.74 -1.00
C ASP A 21 -2.21 5.67 0.14
N ASP A 22 -3.19 6.19 0.89
CA ASP A 22 -2.91 7.08 2.03
C ASP A 22 -1.89 6.40 2.94
N HIS A 23 -2.22 5.18 3.33
CA HIS A 23 -1.37 4.35 4.18
C HIS A 23 0.08 4.40 3.72
N CYS A 24 0.35 3.89 2.53
CA CYS A 24 1.70 3.89 1.99
C CYS A 24 2.27 5.31 1.91
N LYS A 25 1.49 6.26 1.40
CA LYS A 25 1.96 7.66 1.31
C LYS A 25 2.39 8.21 2.68
N ASN A 26 1.67 7.81 3.74
CA ASN A 26 1.97 8.25 5.10
C ASN A 26 2.95 7.33 5.84
N LYS A 27 2.81 6.00 5.66
CA LYS A 27 3.69 5.04 6.33
C LYS A 27 5.06 4.96 5.66
N ALA A 28 5.06 4.68 4.35
CA ALA A 28 6.29 4.57 3.59
C ALA A 28 6.15 5.34 2.28
N HIS A 29 6.44 6.63 2.36
CA HIS A 29 6.35 7.60 1.25
C HIS A 29 6.59 6.98 -0.14
N LEU A 30 5.58 6.27 -0.62
CA LEU A 30 5.59 5.65 -1.94
C LEU A 30 4.70 6.42 -2.93
N ILE A 31 4.61 5.90 -4.16
CA ILE A 31 3.81 6.54 -5.21
C ILE A 31 2.34 6.14 -5.17
N SER A 32 2.05 4.85 -5.01
CA SER A 32 0.65 4.38 -4.98
C SER A 32 0.49 3.13 -4.12
N GLY A 33 -0.77 2.81 -3.77
CA GLY A 33 -1.04 1.64 -2.93
C GLY A 33 -2.43 1.06 -3.14
N THR A 34 -2.52 -0.26 -3.32
CA THR A 34 -3.82 -0.93 -3.52
C THR A 34 -4.02 -2.07 -2.52
N CYS A 35 -5.30 -2.36 -2.23
CA CYS A 35 -5.67 -3.41 -1.26
C CYS A 35 -5.80 -4.78 -1.95
N HIS A 36 -5.18 -5.79 -1.32
CA HIS A 36 -5.21 -7.16 -1.82
C HIS A 36 -5.58 -8.11 -0.68
N ASN A 37 -6.82 -8.61 -0.70
CA ASN A 37 -7.28 -9.53 0.33
C ASN A 37 -6.94 -8.99 1.74
N TRP A 38 -7.48 -7.80 2.05
CA TRP A 38 -7.25 -7.15 3.34
C TRP A 38 -5.77 -6.72 3.53
N LYS A 39 -4.95 -6.84 2.48
CA LYS A 39 -3.53 -6.47 2.56
C LYS A 39 -3.18 -5.30 1.64
N CYS A 40 -2.07 -4.61 1.90
CA CYS A 40 -1.64 -3.48 1.08
C CYS A 40 -0.34 -3.75 0.34
N PHE A 41 -0.42 -3.73 -0.99
CA PHE A 41 0.74 -3.93 -1.85
C PHE A 41 0.98 -2.66 -2.65
N CYS A 42 2.06 -1.95 -2.33
CA CYS A 42 2.38 -0.71 -3.01
C CYS A 42 3.59 -0.87 -3.91
N THR A 43 3.75 0.03 -4.88
CA THR A 43 4.87 -0.03 -5.81
C THR A 43 5.88 1.08 -5.54
N GLN A 44 7.15 0.73 -5.62
CA GLN A 44 8.23 1.67 -5.38
C GLN A 44 9.32 1.51 -6.44
N ASN A 45 10.08 2.58 -6.67
CA ASN A 45 11.16 2.57 -7.65
C ASN A 45 12.32 1.71 -7.17
N CYS A 46 12.74 0.76 -8.00
CA CYS A 46 13.84 -0.14 -7.67
C CYS A 46 14.59 -0.60 -8.92
N LYS A 1 8.29 -2.61 -14.50
CA LYS A 1 9.52 -1.99 -13.92
C LYS A 1 9.21 -1.27 -12.61
N THR A 2 8.67 -2.03 -11.65
CA THR A 2 8.31 -1.48 -10.33
C THR A 2 8.28 -2.60 -9.28
N CYS A 3 8.53 -2.22 -8.03
CA CYS A 3 8.52 -3.18 -6.93
C CYS A 3 7.34 -2.94 -5.98
N GLU A 4 6.66 -4.02 -5.62
CA GLU A 4 5.51 -3.95 -4.72
C GLU A 4 5.84 -4.56 -3.37
N HIS A 5 5.62 -3.79 -2.30
CA HIS A 5 5.90 -4.24 -0.95
C HIS A 5 4.67 -4.13 -0.04
N LEU A 6 4.48 -5.14 0.81
CA LEU A 6 3.37 -5.17 1.75
C LEU A 6 3.77 -4.52 3.08
N ALA A 7 2.96 -3.58 3.54
CA ALA A 7 3.24 -2.89 4.81
C ALA A 7 2.64 -3.66 5.99
N ASP A 8 3.43 -3.82 7.05
CA ASP A 8 3.00 -4.56 8.24
C ASP A 8 2.19 -3.70 9.23
N THR A 9 2.23 -2.38 9.07
CA THR A 9 1.47 -1.49 9.97
C THR A 9 0.28 -0.89 9.24
N TYR A 10 -0.70 -1.76 8.94
CA TYR A 10 -1.92 -1.34 8.24
C TYR A 10 -3.12 -1.34 9.21
N ARG A 11 -4.34 -1.16 8.70
CA ARG A 11 -5.54 -1.10 9.53
C ARG A 11 -6.40 -2.36 9.41
N GLY A 12 -5.77 -3.48 9.03
CA GLY A 12 -6.51 -4.73 8.87
C GLY A 12 -6.86 -5.03 7.43
N VAL A 13 -8.16 -5.08 7.13
CA VAL A 13 -8.63 -5.36 5.76
C VAL A 13 -8.66 -4.09 4.91
N CYS A 14 -8.43 -4.24 3.60
CA CYS A 14 -8.44 -3.08 2.69
C CYS A 14 -9.64 -3.12 1.75
N PHE A 15 -10.43 -2.05 1.75
CA PHE A 15 -11.62 -1.99 0.89
C PHE A 15 -11.46 -0.94 -0.22
N THR A 16 -11.29 0.32 0.17
CA THR A 16 -11.14 1.41 -0.80
C THR A 16 -9.67 1.68 -1.13
N ASN A 17 -9.41 2.07 -2.37
CA ASN A 17 -8.04 2.37 -2.81
C ASN A 17 -7.36 3.39 -1.89
N ALA A 18 -8.13 4.39 -1.44
CA ALA A 18 -7.62 5.41 -0.53
C ALA A 18 -7.02 4.79 0.74
N SER A 19 -7.61 3.68 1.18
CA SER A 19 -7.15 2.98 2.38
C SER A 19 -5.66 2.62 2.29
N CYS A 20 -5.21 2.12 1.12
CA CYS A 20 -3.80 1.77 0.94
C CYS A 20 -2.96 2.97 0.51
N ASP A 21 -3.52 3.82 -0.37
CA ASP A 21 -2.79 5.01 -0.84
C ASP A 21 -2.23 5.81 0.34
N ASP A 22 -3.13 6.43 1.12
CA ASP A 22 -2.73 7.20 2.30
C ASP A 22 -1.72 6.40 3.11
N HIS A 23 -2.16 5.22 3.50
CA HIS A 23 -1.35 4.28 4.24
C HIS A 23 0.05 4.21 3.64
N CYS A 24 0.11 3.91 2.36
CA CYS A 24 1.40 3.86 1.64
C CYS A 24 2.15 5.18 1.77
N LYS A 25 1.52 6.27 1.34
CA LYS A 25 2.14 7.61 1.41
C LYS A 25 2.65 7.95 2.81
N ASN A 26 1.84 7.65 3.83
CA ASN A 26 2.20 7.95 5.22
C ASN A 26 3.10 6.88 5.87
N LYS A 27 2.93 5.61 5.52
CA LYS A 27 3.75 4.54 6.11
C LYS A 27 5.07 4.33 5.35
N ALA A 28 4.97 4.07 4.05
CA ALA A 28 6.15 3.85 3.22
C ALA A 28 6.17 4.79 2.02
N HIS A 29 6.69 6.00 2.29
CA HIS A 29 6.83 7.11 1.34
C HIS A 29 7.03 6.66 -0.12
N LEU A 30 5.96 6.14 -0.70
CA LEU A 30 5.95 5.67 -2.08
C LEU A 30 4.96 6.49 -2.93
N ILE A 31 4.82 6.10 -4.19
CA ILE A 31 3.93 6.79 -5.12
C ILE A 31 2.46 6.41 -4.94
N SER A 32 2.16 5.11 -4.83
CA SER A 32 0.78 4.66 -4.66
C SER A 32 0.68 3.22 -4.16
N GLY A 33 -0.54 2.84 -3.74
CA GLY A 33 -0.80 1.48 -3.23
C GLY A 33 -2.26 1.11 -3.38
N THR A 34 -2.57 -0.18 -3.50
CA THR A 34 -3.96 -0.64 -3.64
C THR A 34 -4.33 -1.78 -2.69
N CYS A 35 -5.62 -2.13 -2.67
CA CYS A 35 -6.13 -3.20 -1.81
C CYS A 35 -5.90 -4.59 -2.41
N HIS A 36 -5.16 -5.42 -1.70
CA HIS A 36 -4.92 -6.80 -2.14
C HIS A 36 -5.71 -7.76 -1.24
N ASN A 37 -5.24 -8.99 -1.09
CA ASN A 37 -5.93 -9.99 -0.27
C ASN A 37 -6.00 -9.55 1.20
N TRP A 38 -6.91 -8.61 1.49
CA TRP A 38 -7.09 -8.07 2.84
C TRP A 38 -5.80 -7.43 3.34
N LYS A 39 -4.98 -6.93 2.42
CA LYS A 39 -3.70 -6.32 2.77
C LYS A 39 -3.40 -5.09 1.91
N CYS A 40 -2.32 -4.38 2.26
CA CYS A 40 -1.90 -3.19 1.51
C CYS A 40 -0.49 -3.33 0.97
N PHE A 41 -0.39 -3.33 -0.36
CA PHE A 41 0.90 -3.42 -1.02
C PHE A 41 1.22 -2.10 -1.70
N CYS A 42 2.41 -1.59 -1.48
CA CYS A 42 2.83 -0.32 -2.04
C CYS A 42 3.85 -0.54 -3.15
N THR A 43 3.83 0.32 -4.17
CA THR A 43 4.74 0.20 -5.30
C THR A 43 5.82 1.28 -5.27
N GLN A 44 7.05 0.86 -5.55
CA GLN A 44 8.18 1.77 -5.56
C GLN A 44 8.99 1.62 -6.85
N ASN A 45 9.59 2.72 -7.30
CA ASN A 45 10.39 2.74 -8.51
C ASN A 45 11.66 1.89 -8.35
N CYS A 46 11.81 0.89 -9.22
CA CYS A 46 12.98 0.00 -9.18
C CYS A 46 13.29 -0.56 -10.57
N LYS A 1 10.04 -1.02 -15.09
CA LYS A 1 9.10 -1.80 -14.23
C LYS A 1 9.08 -1.25 -12.79
N THR A 2 8.35 -1.92 -11.90
CA THR A 2 8.25 -1.48 -10.49
C THR A 2 8.18 -2.67 -9.55
N CYS A 3 8.40 -2.42 -8.26
CA CYS A 3 8.36 -3.46 -7.25
C CYS A 3 7.17 -3.29 -6.31
N GLU A 4 6.80 -4.38 -5.63
CA GLU A 4 5.67 -4.36 -4.70
C GLU A 4 6.14 -4.44 -3.25
N HIS A 5 5.70 -3.48 -2.44
CA HIS A 5 6.08 -3.44 -1.04
C HIS A 5 4.85 -3.45 -0.12
N LEU A 6 4.61 -4.58 0.51
CA LEU A 6 3.47 -4.72 1.42
C LEU A 6 3.80 -4.14 2.79
N ALA A 7 2.86 -3.39 3.35
CA ALA A 7 3.03 -2.79 4.66
C ALA A 7 2.50 -3.72 5.76
N ASP A 8 3.28 -3.83 6.84
CA ASP A 8 2.91 -4.70 7.98
C ASP A 8 2.04 -3.98 9.02
N THR A 9 2.08 -2.64 9.04
CA THR A 9 1.29 -1.87 9.99
C THR A 9 0.12 -1.19 9.29
N TYR A 10 -0.87 -1.97 8.92
CA TYR A 10 -2.06 -1.46 8.23
C TYR A 10 -3.27 -1.42 9.20
N ARG A 11 -4.47 -1.13 8.69
CA ARG A 11 -5.66 -0.99 9.53
C ARG A 11 -6.63 -2.17 9.38
N GLY A 12 -6.10 -3.38 9.17
CA GLY A 12 -6.95 -4.55 9.02
C GLY A 12 -7.24 -4.89 7.56
N VAL A 13 -8.52 -5.05 7.22
CA VAL A 13 -8.93 -5.36 5.85
C VAL A 13 -8.81 -4.13 4.96
N CYS A 14 -8.52 -4.32 3.67
CA CYS A 14 -8.40 -3.18 2.74
C CYS A 14 -9.65 -3.10 1.86
N PHE A 15 -10.38 -2.00 1.97
CA PHE A 15 -11.61 -1.82 1.20
C PHE A 15 -11.42 -0.92 -0.02
N THR A 16 -11.17 0.37 0.21
CA THR A 16 -10.99 1.33 -0.88
C THR A 16 -9.52 1.65 -1.13
N ASN A 17 -9.14 1.85 -2.40
CA ASN A 17 -7.75 2.16 -2.75
C ASN A 17 -7.19 3.25 -1.81
N ALA A 18 -7.96 4.33 -1.65
CA ALA A 18 -7.57 5.44 -0.76
C ALA A 18 -6.98 4.93 0.54
N SER A 19 -7.55 3.83 1.06
CA SER A 19 -7.08 3.24 2.32
C SER A 19 -5.57 2.95 2.25
N CYS A 20 -5.15 2.17 1.25
CA CYS A 20 -3.74 1.83 1.08
C CYS A 20 -2.93 3.02 0.56
N ASP A 21 -3.48 3.78 -0.39
CA ASP A 21 -2.76 4.92 -0.97
C ASP A 21 -2.20 5.82 0.14
N ASP A 22 -3.11 6.42 0.93
CA ASP A 22 -2.73 7.29 2.06
C ASP A 22 -1.73 6.55 2.94
N HIS A 23 -2.14 5.36 3.35
CA HIS A 23 -1.35 4.45 4.16
C HIS A 23 0.06 4.35 3.60
N CYS A 24 0.16 3.97 2.33
CA CYS A 24 1.46 3.86 1.66
C CYS A 24 2.29 5.14 1.80
N LYS A 25 1.73 6.26 1.33
CA LYS A 25 2.43 7.55 1.39
C LYS A 25 2.87 7.89 2.82
N ASN A 26 2.01 7.64 3.80
CA ASN A 26 2.30 7.95 5.20
C ASN A 26 3.17 6.90 5.89
N LYS A 27 2.97 5.62 5.57
CA LYS A 27 3.76 4.54 6.20
C LYS A 27 5.06 4.25 5.46
N ALA A 28 4.97 3.93 4.16
CA ALA A 28 6.14 3.63 3.35
C ALA A 28 6.22 4.58 2.17
N HIS A 29 6.78 5.76 2.44
CA HIS A 29 6.97 6.87 1.49
C HIS A 29 7.12 6.41 0.03
N LEU A 30 6.00 6.00 -0.53
CA LEU A 30 5.93 5.55 -1.92
C LEU A 30 4.93 6.40 -2.72
N ILE A 31 4.70 6.01 -3.97
CA ILE A 31 3.78 6.75 -4.83
C ILE A 31 2.32 6.31 -4.65
N SER A 32 2.05 5.00 -4.75
CA SER A 32 0.68 4.51 -4.59
C SER A 32 0.61 3.05 -4.10
N GLY A 33 -0.59 2.67 -3.62
CA GLY A 33 -0.82 1.31 -3.13
C GLY A 33 -2.25 0.84 -3.41
N THR A 34 -2.43 -0.47 -3.59
CA THR A 34 -3.77 -1.02 -3.89
C THR A 34 -4.17 -2.12 -2.91
N CYS A 35 -5.50 -2.28 -2.75
CA CYS A 35 -6.05 -3.31 -1.86
C CYS A 35 -5.82 -4.71 -2.43
N HIS A 36 -5.16 -5.55 -1.65
CA HIS A 36 -4.91 -6.92 -2.04
C HIS A 36 -5.61 -7.86 -1.07
N ASN A 37 -5.08 -9.07 -0.88
CA ASN A 37 -5.67 -10.05 0.02
C ASN A 37 -5.75 -9.53 1.46
N TRP A 38 -6.70 -8.64 1.71
CA TRP A 38 -6.91 -8.03 3.02
C TRP A 38 -5.64 -7.34 3.52
N LYS A 39 -4.84 -6.80 2.60
CA LYS A 39 -3.60 -6.13 2.96
C LYS A 39 -3.31 -4.92 2.06
N CYS A 40 -2.18 -4.25 2.31
CA CYS A 40 -1.78 -3.09 1.54
C CYS A 40 -0.40 -3.26 0.92
N PHE A 41 -0.37 -3.36 -0.40
CA PHE A 41 0.89 -3.48 -1.12
C PHE A 41 1.15 -2.17 -1.85
N CYS A 42 2.33 -1.61 -1.64
CA CYS A 42 2.68 -0.34 -2.24
C CYS A 42 3.68 -0.55 -3.38
N THR A 43 3.66 0.35 -4.36
CA THR A 43 4.54 0.24 -5.51
C THR A 43 5.68 1.26 -5.42
N GLN A 44 6.89 0.76 -5.62
CA GLN A 44 8.08 1.58 -5.56
C GLN A 44 8.92 1.46 -6.83
N ASN A 45 9.49 2.57 -7.26
CA ASN A 45 10.32 2.60 -8.46
C ASN A 45 11.59 1.76 -8.25
N CYS A 46 11.80 0.78 -9.10
CA CYS A 46 12.97 -0.10 -9.00
C CYS A 46 13.44 -0.59 -10.37
N LYS A 1 10.46 -1.16 -14.90
CA LYS A 1 9.71 -2.09 -14.01
C LYS A 1 9.36 -1.42 -12.66
N THR A 2 8.62 -2.14 -11.82
CA THR A 2 8.21 -1.61 -10.51
C THR A 2 8.14 -2.72 -9.46
N CYS A 3 8.37 -2.35 -8.21
CA CYS A 3 8.33 -3.32 -7.11
C CYS A 3 7.19 -3.03 -6.14
N GLU A 4 6.58 -4.10 -5.63
CA GLU A 4 5.48 -4.01 -4.67
C GLU A 4 5.92 -4.42 -3.27
N HIS A 5 5.55 -3.62 -2.28
CA HIS A 5 5.91 -3.90 -0.89
C HIS A 5 4.69 -3.79 0.03
N LEU A 6 4.51 -4.80 0.89
CA LEU A 6 3.38 -4.83 1.83
C LEU A 6 3.76 -4.19 3.17
N ALA A 7 2.98 -3.19 3.60
CA ALA A 7 3.24 -2.51 4.87
C ALA A 7 2.55 -3.20 6.05
N ASP A 8 3.35 -3.84 6.90
CA ASP A 8 2.87 -4.56 8.09
C ASP A 8 2.15 -3.65 9.10
N THR A 9 2.16 -2.34 8.88
CA THR A 9 1.49 -1.43 9.81
C THR A 9 0.23 -0.87 9.15
N TYR A 10 -0.66 -1.79 8.75
CA TYR A 10 -1.91 -1.41 8.11
C TYR A 10 -3.08 -1.65 9.07
N ARG A 11 -4.25 -1.14 8.72
CA ARG A 11 -5.44 -1.25 9.55
C ARG A 11 -6.49 -2.22 8.98
N GLY A 12 -6.55 -3.42 9.58
CA GLY A 12 -7.52 -4.42 9.16
C GLY A 12 -7.47 -4.79 7.69
N VAL A 13 -8.66 -5.03 7.12
CA VAL A 13 -8.79 -5.40 5.71
C VAL A 13 -8.87 -4.15 4.83
N CYS A 14 -8.35 -4.25 3.62
CA CYS A 14 -8.37 -3.11 2.70
C CYS A 14 -9.58 -3.18 1.76
N PHE A 15 -10.45 -2.17 1.85
CA PHE A 15 -11.65 -2.12 1.00
C PHE A 15 -11.53 -1.06 -0.09
N THR A 16 -11.15 0.16 0.29
CA THR A 16 -11.03 1.27 -0.67
C THR A 16 -9.57 1.55 -1.00
N ASN A 17 -9.31 1.88 -2.26
CA ASN A 17 -7.96 2.19 -2.70
C ASN A 17 -7.33 3.30 -1.82
N ALA A 18 -8.17 4.22 -1.34
CA ALA A 18 -7.72 5.33 -0.48
C ALA A 18 -7.04 4.84 0.81
N SER A 19 -7.52 3.74 1.40
CA SER A 19 -6.93 3.22 2.65
C SER A 19 -5.47 2.81 2.46
N CYS A 20 -5.10 2.33 1.26
CA CYS A 20 -3.71 1.94 1.00
C CYS A 20 -2.88 3.12 0.51
N ASP A 21 -3.43 3.93 -0.41
CA ASP A 21 -2.71 5.09 -0.94
C ASP A 21 -2.16 5.94 0.22
N ASP A 22 -3.07 6.52 1.01
CA ASP A 22 -2.69 7.32 2.19
C ASP A 22 -1.67 6.55 3.00
N HIS A 23 -2.07 5.33 3.36
CA HIS A 23 -1.24 4.40 4.09
C HIS A 23 0.15 4.31 3.49
N CYS A 24 0.21 4.00 2.21
CA CYS A 24 1.47 3.92 1.48
C CYS A 24 2.28 5.21 1.59
N LYS A 25 1.64 6.36 1.33
CA LYS A 25 2.34 7.65 1.39
C LYS A 25 2.83 7.96 2.81
N ASN A 26 1.99 7.69 3.80
CA ASN A 26 2.32 7.97 5.20
C ASN A 26 3.21 6.90 5.86
N LYS A 27 3.06 5.64 5.46
CA LYS A 27 3.84 4.55 6.07
C LYS A 27 5.13 4.23 5.31
N ALA A 28 4.99 3.87 4.03
CA ALA A 28 6.14 3.53 3.19
C ALA A 28 6.25 4.50 2.02
N HIS A 29 6.87 5.65 2.29
CA HIS A 29 7.09 6.77 1.36
C HIS A 29 7.21 6.34 -0.11
N LEU A 30 6.07 5.92 -0.65
CA LEU A 30 5.96 5.49 -2.05
C LEU A 30 4.92 6.32 -2.78
N ILE A 31 4.73 6.03 -4.07
CA ILE A 31 3.77 6.75 -4.89
C ILE A 31 2.32 6.42 -4.50
N SER A 32 2.00 5.14 -4.38
CA SER A 32 0.64 4.75 -4.01
C SER A 32 0.54 3.28 -3.54
N GLY A 33 -0.68 2.75 -3.54
CA GLY A 33 -0.92 1.36 -3.11
C GLY A 33 -2.39 0.99 -3.17
N THR A 34 -2.71 -0.27 -3.52
CA THR A 34 -4.10 -0.72 -3.60
C THR A 34 -4.42 -1.88 -2.66
N CYS A 35 -5.71 -2.19 -2.56
CA CYS A 35 -6.19 -3.27 -1.70
C CYS A 35 -5.91 -4.65 -2.30
N HIS A 36 -4.98 -5.37 -1.71
CA HIS A 36 -4.65 -6.72 -2.16
C HIS A 36 -5.42 -7.73 -1.29
N ASN A 37 -4.84 -8.92 -1.09
CA ASN A 37 -5.48 -9.96 -0.29
C ASN A 37 -5.68 -9.52 1.16
N TRP A 38 -6.64 -8.61 1.38
CA TRP A 38 -6.94 -8.09 2.71
C TRP A 38 -5.74 -7.32 3.28
N LYS A 39 -4.88 -6.83 2.39
CA LYS A 39 -3.68 -6.10 2.80
C LYS A 39 -3.38 -4.92 1.86
N CYS A 40 -2.33 -4.17 2.19
CA CYS A 40 -1.91 -3.02 1.38
C CYS A 40 -0.49 -3.18 0.85
N PHE A 41 -0.37 -3.29 -0.46
CA PHE A 41 0.93 -3.39 -1.10
C PHE A 41 1.20 -2.10 -1.85
N CYS A 42 2.37 -1.53 -1.64
CA CYS A 42 2.72 -0.27 -2.24
C CYS A 42 3.73 -0.49 -3.36
N THR A 43 3.74 0.41 -4.33
CA THR A 43 4.63 0.30 -5.47
C THR A 43 5.75 1.33 -5.41
N GLN A 44 6.95 0.88 -5.71
CA GLN A 44 8.13 1.72 -5.69
C GLN A 44 8.94 1.55 -6.98
N ASN A 45 9.65 2.61 -7.35
CA ASN A 45 10.47 2.59 -8.57
C ASN A 45 11.69 1.68 -8.36
N CYS A 46 11.89 0.75 -9.29
CA CYS A 46 13.02 -0.19 -9.20
C CYS A 46 13.39 -0.77 -10.58
N LYS A 1 10.86 -2.08 -15.21
CA LYS A 1 9.86 -2.77 -14.34
C LYS A 1 9.85 -2.19 -12.93
N THR A 2 8.86 -2.58 -12.12
CA THR A 2 8.75 -2.09 -10.74
C THR A 2 8.41 -3.23 -9.78
N CYS A 3 8.65 -2.98 -8.50
CA CYS A 3 8.37 -3.98 -7.47
C CYS A 3 7.47 -3.39 -6.39
N GLU A 4 6.59 -4.22 -5.85
CA GLU A 4 5.66 -3.79 -4.80
C GLU A 4 6.04 -4.41 -3.46
N HIS A 5 5.70 -3.71 -2.38
CA HIS A 5 5.99 -4.19 -1.03
C HIS A 5 4.77 -4.03 -0.12
N LEU A 6 4.49 -5.06 0.68
CA LEU A 6 3.36 -5.02 1.61
C LEU A 6 3.82 -4.42 2.94
N ALA A 7 3.10 -3.38 3.39
CA ALA A 7 3.44 -2.70 4.65
C ALA A 7 2.75 -3.38 5.85
N ASP A 8 3.57 -3.86 6.78
CA ASP A 8 3.08 -4.55 7.99
C ASP A 8 2.31 -3.64 8.96
N THR A 9 2.34 -2.33 8.75
CA THR A 9 1.62 -1.42 9.63
C THR A 9 0.37 -0.88 8.95
N TYR A 10 -0.54 -1.79 8.66
CA TYR A 10 -1.81 -1.45 8.00
C TYR A 10 -2.96 -1.54 9.04
N ARG A 11 -4.21 -1.37 8.59
CA ARG A 11 -5.36 -1.38 9.49
C ARG A 11 -6.19 -2.67 9.36
N GLY A 12 -5.51 -3.79 9.09
CA GLY A 12 -6.20 -5.07 8.96
C GLY A 12 -6.77 -5.31 7.58
N VAL A 13 -8.10 -5.28 7.46
CA VAL A 13 -8.79 -5.49 6.18
C VAL A 13 -8.96 -4.20 5.38
N CYS A 14 -9.06 -4.31 4.06
CA CYS A 14 -9.25 -3.13 3.19
C CYS A 14 -10.69 -3.01 2.71
N PHE A 15 -11.13 -1.77 2.51
CA PHE A 15 -12.48 -1.47 2.04
C PHE A 15 -12.45 -0.68 0.74
N THR A 16 -11.70 0.42 0.72
CA THR A 16 -11.58 1.27 -0.47
C THR A 16 -10.11 1.50 -0.82
N ASN A 17 -9.83 1.75 -2.10
CA ASN A 17 -8.46 1.99 -2.59
C ASN A 17 -7.75 3.10 -1.80
N ALA A 18 -8.51 4.12 -1.38
CA ALA A 18 -7.94 5.23 -0.61
C ALA A 18 -7.20 4.73 0.63
N SER A 19 -7.68 3.63 1.20
CA SER A 19 -7.06 3.04 2.39
C SER A 19 -5.56 2.86 2.20
N CYS A 20 -5.19 1.88 1.37
CA CYS A 20 -3.79 1.58 1.07
C CYS A 20 -3.03 2.81 0.58
N ASP A 21 -3.66 3.63 -0.27
CA ASP A 21 -2.98 4.81 -0.80
C ASP A 21 -2.49 5.71 0.35
N ASP A 22 -3.42 6.25 1.15
CA ASP A 22 -3.05 7.06 2.32
C ASP A 22 -1.99 6.32 3.12
N HIS A 23 -2.36 5.12 3.52
CA HIS A 23 -1.50 4.22 4.26
C HIS A 23 -0.10 4.22 3.68
N CYS A 24 0.03 3.81 2.42
CA CYS A 24 1.31 3.80 1.74
C CYS A 24 2.02 5.15 1.86
N LYS A 25 1.37 6.22 1.40
CA LYS A 25 1.95 7.56 1.46
C LYS A 25 2.42 7.93 2.87
N ASN A 26 1.58 7.67 3.87
CA ASN A 26 1.90 8.01 5.25
C ASN A 26 2.81 6.98 5.95
N LYS A 27 2.70 5.71 5.59
CA LYS A 27 3.53 4.66 6.22
C LYS A 27 4.87 4.50 5.52
N ALA A 28 4.86 4.38 4.20
CA ALA A 28 6.09 4.23 3.42
C ALA A 28 6.13 5.24 2.29
N HIS A 29 6.57 6.45 2.62
CA HIS A 29 6.68 7.60 1.71
C HIS A 29 6.98 7.21 0.26
N LEU A 30 5.97 6.68 -0.40
CA LEU A 30 6.05 6.27 -1.81
C LEU A 30 5.02 7.03 -2.64
N ILE A 31 4.83 6.63 -3.89
CA ILE A 31 3.90 7.32 -4.79
C ILE A 31 2.44 6.86 -4.63
N SER A 32 2.20 5.54 -4.65
CA SER A 32 0.81 5.03 -4.53
C SER A 32 0.72 3.73 -3.73
N GLY A 33 -0.53 3.32 -3.44
CA GLY A 33 -0.78 2.10 -2.69
C GLY A 33 -2.13 1.48 -3.05
N THR A 34 -2.12 0.21 -3.46
CA THR A 34 -3.36 -0.47 -3.85
C THR A 34 -3.73 -1.60 -2.89
N CYS A 35 -5.03 -1.93 -2.86
CA CYS A 35 -5.51 -3.00 -1.99
C CYS A 35 -5.55 -4.35 -2.70
N HIS A 36 -5.03 -5.35 -2.02
CA HIS A 36 -5.02 -6.72 -2.53
C HIS A 36 -5.85 -7.60 -1.58
N ASN A 37 -5.58 -8.90 -1.54
CA ASN A 37 -6.34 -9.82 -0.68
C ASN A 37 -6.21 -9.44 0.81
N TRP A 38 -6.99 -8.43 1.22
CA TRP A 38 -6.97 -7.93 2.59
C TRP A 38 -5.58 -7.45 3.00
N LYS A 39 -4.85 -6.87 2.04
CA LYS A 39 -3.49 -6.39 2.31
C LYS A 39 -3.18 -5.13 1.51
N CYS A 40 -2.18 -4.37 1.97
CA CYS A 40 -1.78 -3.15 1.31
C CYS A 40 -0.39 -3.22 0.73
N PHE A 41 -0.32 -3.12 -0.60
CA PHE A 41 0.94 -3.14 -1.30
C PHE A 41 1.21 -1.75 -1.89
N CYS A 42 2.45 -1.30 -1.77
CA CYS A 42 2.82 0.00 -2.28
C CYS A 42 3.65 -0.16 -3.55
N THR A 43 3.80 0.91 -4.32
CA THR A 43 4.58 0.85 -5.56
C THR A 43 5.90 1.57 -5.40
N GLN A 44 6.97 0.92 -5.86
CA GLN A 44 8.32 1.46 -5.74
C GLN A 44 9.20 1.03 -6.91
N ASN A 45 9.70 2.00 -7.66
CA ASN A 45 10.56 1.72 -8.81
C ASN A 45 11.85 1.01 -8.37
N CYS A 46 12.24 -0.01 -9.12
CA CYS A 46 13.45 -0.77 -8.81
C CYS A 46 14.00 -1.46 -10.05
N LYS A 1 8.99 -3.52 -15.00
CA LYS A 1 10.28 -3.12 -14.37
C LYS A 1 10.06 -2.33 -13.08
N THR A 2 9.23 -2.86 -12.18
CA THR A 2 8.93 -2.18 -10.92
C THR A 2 8.68 -3.19 -9.81
N CYS A 3 9.10 -2.86 -8.59
CA CYS A 3 8.93 -3.74 -7.44
C CYS A 3 7.95 -3.17 -6.41
N GLU A 4 6.99 -3.98 -5.97
CA GLU A 4 6.02 -3.55 -4.97
C GLU A 4 6.29 -4.24 -3.64
N HIS A 5 5.90 -3.58 -2.56
CA HIS A 5 6.10 -4.13 -1.22
C HIS A 5 4.85 -3.96 -0.37
N LEU A 6 4.49 -5.03 0.34
CA LEU A 6 3.33 -5.03 1.23
C LEU A 6 3.73 -4.46 2.59
N ALA A 7 2.93 -3.53 3.10
CA ALA A 7 3.23 -2.91 4.38
C ALA A 7 2.60 -3.67 5.56
N ASP A 8 3.46 -4.07 6.50
CA ASP A 8 3.03 -4.82 7.69
C ASP A 8 2.38 -3.94 8.76
N THR A 9 2.45 -2.61 8.61
CA THR A 9 1.84 -1.70 9.59
C THR A 9 0.58 -1.10 8.97
N TYR A 10 -0.36 -1.99 8.64
CA TYR A 10 -1.62 -1.61 8.02
C TYR A 10 -2.77 -1.77 9.04
N ARG A 11 -4.02 -1.89 8.58
CA ARG A 11 -5.17 -2.02 9.46
C ARG A 11 -5.73 -3.44 9.38
N GLY A 12 -7.07 -3.56 9.42
CA GLY A 12 -7.72 -4.86 9.34
C GLY A 12 -8.23 -5.18 7.94
N VAL A 13 -9.53 -5.01 7.74
CA VAL A 13 -10.14 -5.28 6.44
C VAL A 13 -10.15 -4.04 5.54
N CYS A 14 -9.95 -4.24 4.24
CA CYS A 14 -9.94 -3.12 3.28
C CYS A 14 -11.28 -2.98 2.55
N PHE A 15 -11.69 -1.75 2.29
CA PHE A 15 -12.95 -1.47 1.58
C PHE A 15 -12.72 -0.62 0.33
N THR A 16 -12.02 0.52 0.49
CA THR A 16 -11.75 1.41 -0.63
C THR A 16 -10.23 1.55 -0.87
N ASN A 17 -9.84 1.65 -2.15
CA ASN A 17 -8.43 1.78 -2.54
C ASN A 17 -7.67 2.84 -1.72
N ALA A 18 -8.39 3.89 -1.28
CA ALA A 18 -7.77 4.97 -0.50
C ALA A 18 -7.02 4.47 0.74
N SER A 19 -7.54 3.43 1.39
CA SER A 19 -6.91 2.88 2.60
C SER A 19 -5.42 2.60 2.40
N CYS A 20 -5.05 2.05 1.23
CA CYS A 20 -3.64 1.74 0.95
C CYS A 20 -2.87 2.98 0.47
N ASP A 21 -3.47 3.75 -0.42
CA ASP A 21 -2.82 4.96 -0.95
C ASP A 21 -2.30 5.84 0.20
N ASP A 22 -3.23 6.36 1.01
CA ASP A 22 -2.88 7.18 2.18
C ASP A 22 -1.84 6.44 3.02
N HIS A 23 -2.20 5.23 3.39
CA HIS A 23 -1.36 4.32 4.17
C HIS A 23 0.05 4.28 3.60
N CYS A 24 0.18 3.87 2.35
CA CYS A 24 1.48 3.81 1.70
C CYS A 24 2.21 5.17 1.78
N LYS A 25 1.52 6.24 1.37
CA LYS A 25 2.10 7.59 1.40
C LYS A 25 2.62 7.99 2.78
N ASN A 26 1.81 7.73 3.82
CA ASN A 26 2.17 8.08 5.20
C ASN A 26 3.14 7.10 5.85
N LYS A 27 2.96 5.80 5.60
CA LYS A 27 3.84 4.79 6.18
C LYS A 27 5.18 4.72 5.44
N ALA A 28 5.13 4.45 4.14
CA ALA A 28 6.33 4.35 3.32
C ALA A 28 6.26 5.34 2.15
N HIS A 29 6.61 6.58 2.46
CA HIS A 29 6.61 7.73 1.54
C HIS A 29 6.89 7.36 0.08
N LEU A 30 5.89 6.77 -0.54
CA LEU A 30 5.97 6.36 -1.96
C LEU A 30 4.89 7.07 -2.77
N ILE A 31 4.76 6.72 -4.06
CA ILE A 31 3.77 7.35 -4.93
C ILE A 31 2.35 6.88 -4.65
N SER A 32 2.11 5.57 -4.55
CA SER A 32 0.76 5.05 -4.26
C SER A 32 0.79 3.63 -3.68
N GLY A 33 -0.42 3.06 -3.49
CA GLY A 33 -0.56 1.71 -2.95
C GLY A 33 -2.00 1.20 -3.02
N THR A 34 -2.17 -0.08 -3.34
CA THR A 34 -3.51 -0.66 -3.46
C THR A 34 -3.70 -1.89 -2.57
N CYS A 35 -4.97 -2.21 -2.26
CA CYS A 35 -5.30 -3.37 -1.42
C CYS A 35 -5.22 -4.69 -2.19
N HIS A 36 -4.65 -5.70 -1.53
CA HIS A 36 -4.51 -7.04 -2.11
C HIS A 36 -4.89 -8.11 -1.09
N ASN A 37 -6.13 -8.58 -1.15
CA ASN A 37 -6.60 -9.60 -0.21
C ASN A 37 -6.38 -9.16 1.24
N TRP A 38 -7.08 -8.08 1.63
CA TRP A 38 -6.97 -7.52 2.98
C TRP A 38 -5.52 -7.10 3.31
N LYS A 39 -4.79 -6.64 2.29
CA LYS A 39 -3.40 -6.22 2.49
C LYS A 39 -3.09 -4.99 1.65
N CYS A 40 -2.03 -4.26 2.00
CA CYS A 40 -1.63 -3.08 1.26
C CYS A 40 -0.24 -3.20 0.68
N PHE A 41 -0.18 -3.10 -0.64
CA PHE A 41 1.08 -3.14 -1.35
C PHE A 41 1.39 -1.76 -1.90
N CYS A 42 2.63 -1.34 -1.77
CA CYS A 42 3.04 -0.04 -2.24
C CYS A 42 3.86 -0.19 -3.51
N THR A 43 3.91 0.86 -4.33
CA THR A 43 4.64 0.81 -5.60
C THR A 43 5.94 1.59 -5.51
N GLN A 44 7.05 0.90 -5.72
CA GLN A 44 8.37 1.52 -5.65
C GLN A 44 9.20 1.26 -6.90
N ASN A 45 9.78 2.33 -7.44
CA ASN A 45 10.62 2.25 -8.63
C ASN A 45 11.99 1.68 -8.28
N CYS A 46 12.40 0.64 -8.99
CA CYS A 46 13.71 0.01 -8.75
C CYS A 46 14.29 -0.55 -10.05
#